data_8VEV
#
_entry.id   8VEV
#
_cell.length_a   83.640
_cell.length_b   128.377
_cell.length_c   150.476
_cell.angle_alpha   90.000
_cell.angle_beta   90.000
_cell.angle_gamma   90.000
#
_symmetry.space_group_name_H-M   'P 21 21 21'
#
loop_
_entity.id
_entity.type
_entity.pdbx_description
1 polymer 'N6-methyladenosine (m6A) binding IgG Fab, heavy chain'
2 polymer 'N6-methyladenosine (m6A) binding IgG Fab, light chain'
3 non-polymer DI(HYDROXYETHYL)ETHER
4 non-polymer 'SULFATE ION'
5 non-polymer N-methyladenosine
6 non-polymer 'CHLORIDE ION'
7 water water
#
loop_
_entity_poly.entity_id
_entity_poly.type
_entity_poly.pdbx_seq_one_letter_code
_entity_poly.pdbx_strand_id
1 'polypeptide(L)'
;EVKLEESGGGLVQPGGSMKLSCVASGFSFTNYWMNWVRQSPEKGLEWVAEISLKSSNYVTYYAESVKGRFTISSDKSKRS
VYLQMNNLRAEDTGIYFCSLWQTWFAYWGQGTLVTVSSAKTTPPSVYPLAPGSAAQTNSMVTLGCLVKGYFPEPVTVTWN
SGSLSSGVHTFPAVLQSDLYTLSSSVTVPSSTWPSETVTCNVAHPASSTKVDKKIVPRDCG
;
A,C,H
2 'polypeptide(L)'
;QAVVTQESALTTSPGETVTLTCRSSTGAVTTSNYANWVQEKPDHLFTGLIGGTNNRAPGVPARFSGSLIGDKAALTITGA
QTDDEAIYFCALWYSNHLVFGGGTKLTVLGQPKSSPSVTLFPPSSEELETNKATLVCTITDFYPGVVTVDWKVDGTPVTQ
GMETTQPSKQSNNKYMASSYLTLTARAWERHSSYSCQVTHEGHTVEKSLSRADCS
;
B,D,L
#
# COMPACT_ATOMS: atom_id res chain seq x y z
N GLU A 1 39.77 13.16 -14.92
CA GLU A 1 39.33 13.75 -13.61
C GLU A 1 38.67 12.68 -12.74
N VAL A 2 38.57 12.96 -11.44
CA VAL A 2 37.88 12.06 -10.53
C VAL A 2 36.37 12.13 -10.79
N LYS A 3 35.69 11.02 -10.53
CA LYS A 3 34.24 10.96 -10.70
C LYS A 3 33.69 9.85 -9.81
N LEU A 4 32.81 10.23 -8.88
CA LEU A 4 32.12 9.28 -8.02
C LEU A 4 30.70 9.09 -8.53
N GLU A 5 30.31 7.83 -8.72
CA GLU A 5 29.00 7.48 -9.25
C GLU A 5 28.27 6.62 -8.23
N GLU A 6 27.11 7.08 -7.78
CA GLU A 6 26.32 6.39 -6.77
C GLU A 6 25.13 5.68 -7.41
N SER A 7 24.64 4.66 -6.71
CA SER A 7 23.58 3.81 -7.23
C SER A 7 23.08 2.91 -6.11
N GLY A 8 21.85 2.43 -6.29
CA GLY A 8 21.25 1.50 -5.35
C GLY A 8 20.27 2.11 -4.37
N GLY A 9 19.69 3.26 -4.69
CA GLY A 9 18.70 3.89 -3.83
C GLY A 9 17.29 3.71 -4.36
N GLY A 10 16.32 3.74 -3.46
CA GLY A 10 14.94 3.59 -3.85
C GLY A 10 14.02 3.62 -2.65
N LEU A 11 12.85 3.01 -2.82
CA LEU A 11 11.85 2.92 -1.76
C LEU A 11 11.91 1.55 -1.11
N VAL A 12 11.75 1.53 0.21
CA VAL A 12 11.87 0.30 0.98
C VAL A 12 10.99 0.43 2.22
N GLN A 13 10.32 -0.67 2.59
CA GLN A 13 9.51 -0.67 3.79
C GLN A 13 10.39 -0.57 5.04
N PRO A 14 9.89 0.03 6.11
CA PRO A 14 10.64 0.04 7.37
C PRO A 14 11.01 -1.38 7.79
N GLY A 15 12.19 -1.51 8.39
CA GLY A 15 12.73 -2.80 8.74
C GLY A 15 13.43 -3.51 7.61
N GLY A 16 13.33 -3.01 6.38
CA GLY A 16 14.00 -3.61 5.24
C GLY A 16 15.46 -3.25 5.16
N SER A 17 16.06 -3.59 4.02
CA SER A 17 17.49 -3.39 3.81
C SER A 17 17.74 -2.83 2.41
N MET A 18 18.87 -2.17 2.27
CA MET A 18 19.34 -1.67 0.98
C MET A 18 20.86 -1.55 1.04
N LYS A 19 21.50 -1.79 -0.11
CA LYS A 19 22.96 -1.71 -0.21
C LYS A 19 23.30 -0.77 -1.35
N LEU A 20 23.99 0.32 -1.03
CA LEU A 20 24.39 1.31 -2.01
C LEU A 20 25.82 1.05 -2.49
N SER A 21 26.15 1.63 -3.64
CA SER A 21 27.47 1.47 -4.24
C SER A 21 27.96 2.81 -4.77
N CYS A 22 29.18 3.18 -4.41
CA CYS A 22 29.82 4.40 -4.87
C CYS A 22 31.09 3.99 -5.64
N VAL A 23 31.07 4.21 -6.95
CA VAL A 23 32.16 3.79 -7.83
C VAL A 23 33.06 4.98 -8.09
N ALA A 24 34.31 4.89 -7.65
CA ALA A 24 35.27 5.98 -7.78
C ALA A 24 36.21 5.69 -8.95
N SER A 25 36.43 6.70 -9.79
CA SER A 25 37.31 6.58 -10.95
C SER A 25 38.19 7.81 -11.03
N GLY A 26 39.50 7.58 -11.14
CA GLY A 26 40.47 8.66 -11.19
C GLY A 26 41.87 8.17 -10.93
N PHE A 27 42.65 8.91 -10.15
CA PHE A 27 43.99 8.47 -9.78
C PHE A 27 43.88 7.58 -8.53
N SER A 28 45.04 7.17 -8.00
CA SER A 28 45.05 6.27 -6.85
C SER A 28 44.58 7.00 -5.60
N PHE A 29 43.51 6.49 -4.99
CA PHE A 29 42.91 7.11 -3.81
C PHE A 29 43.30 6.39 -2.53
N THR A 30 44.47 5.74 -2.51
CA THR A 30 44.92 5.07 -1.30
C THR A 30 44.99 6.02 -0.12
N ASN A 31 45.17 7.31 -0.37
CA ASN A 31 45.35 8.30 0.68
C ASN A 31 44.03 8.92 1.13
N TYR A 32 42.90 8.49 0.58
CA TYR A 32 41.60 9.07 0.92
C TYR A 32 40.83 8.17 1.86
N TRP A 33 39.94 8.78 2.63
CA TRP A 33 38.88 8.09 3.36
C TRP A 33 37.57 8.34 2.63
N MET A 34 36.86 7.26 2.29
CA MET A 34 35.56 7.37 1.64
C MET A 34 34.48 7.50 2.70
N ASN A 35 33.72 8.58 2.64
CA ASN A 35 32.67 8.87 3.61
C ASN A 35 31.29 8.63 2.99
N TRP A 36 30.34 8.30 3.84
CA TRP A 36 28.92 8.32 3.50
C TRP A 36 28.25 9.38 4.37
N VAL A 37 27.68 10.40 3.73
CA VAL A 37 26.88 11.41 4.40
C VAL A 37 25.51 11.45 3.75
N ARG A 38 24.47 11.47 4.56
CA ARG A 38 23.10 11.53 4.09
C ARG A 38 22.51 12.90 4.40
N GLN A 39 21.65 13.37 3.51
CA GLN A 39 20.97 14.66 3.67
C GLN A 39 19.47 14.44 3.66
N SER A 40 18.81 14.89 4.72
CA SER A 40 17.37 14.92 4.82
C SER A 40 16.89 16.36 4.96
N PRO A 41 15.65 16.66 4.59
CA PRO A 41 15.12 18.01 4.84
C PRO A 41 15.04 18.35 6.32
N GLU A 42 15.12 17.37 7.22
CA GLU A 42 14.92 17.59 8.64
C GLU A 42 16.22 17.68 9.44
N LYS A 43 17.31 17.06 8.98
CA LYS A 43 18.57 17.09 9.70
C LYS A 43 19.72 17.60 8.84
N GLY A 44 19.42 18.32 7.76
CA GLY A 44 20.46 18.84 6.89
C GLY A 44 21.47 17.77 6.52
N LEU A 45 22.73 17.94 6.91
CA LEU A 45 23.74 16.91 6.73
C LEU A 45 23.85 16.06 7.99
N GLU A 46 24.20 14.79 7.80
CA GLU A 46 24.33 13.84 8.91
C GLU A 46 25.37 12.82 8.50
N TRP A 47 26.50 12.79 9.20
CA TRP A 47 27.58 11.87 8.86
C TRP A 47 27.19 10.45 9.26
N VAL A 48 27.39 9.51 8.34
CA VAL A 48 26.98 8.12 8.54
C VAL A 48 28.17 7.25 8.92
N ALA A 49 29.10 7.07 7.97
CA ALA A 49 30.23 6.18 8.19
C ALA A 49 31.35 6.55 7.23
N GLU A 50 32.48 5.85 7.35
CA GLU A 50 33.71 6.19 6.66
C GLU A 50 34.64 5.00 6.69
N ILE A 51 35.47 4.88 5.66
CA ILE A 51 36.44 3.80 5.57
C ILE A 51 37.73 4.32 4.95
N SER A 52 38.86 3.77 5.40
CA SER A 52 40.16 4.14 4.87
C SER A 52 40.49 3.27 3.67
N LEU A 53 40.81 3.92 2.54
CA LEU A 53 41.01 3.21 1.29
C LEU A 53 42.46 2.74 1.11
N LYS A 54 43.19 2.52 2.20
CA LYS A 54 44.49 1.86 2.11
C LYS A 54 44.26 0.36 1.98
N SER A 55 44.78 -0.23 0.90
CA SER A 55 44.71 -1.69 0.76
C SER A 55 45.46 -2.38 1.89
N SER A 56 46.46 -1.71 2.46
CA SER A 56 47.23 -2.29 3.56
C SER A 56 46.51 -2.14 4.89
N ASN A 57 45.79 -1.02 5.09
CA ASN A 57 45.24 -0.65 6.38
C ASN A 57 43.77 -0.30 6.21
N TYR A 58 42.89 -1.13 6.79
CA TYR A 58 41.46 -0.89 6.76
C TYR A 58 41.00 -0.41 8.14
N VAL A 59 40.36 0.76 8.17
CA VAL A 59 39.78 1.31 9.38
C VAL A 59 38.38 1.81 9.05
N THR A 60 37.45 1.63 9.98
CA THR A 60 36.06 2.04 9.78
C THR A 60 35.57 2.77 11.01
N TYR A 61 34.86 3.87 10.78
CA TYR A 61 34.13 4.59 11.82
C TYR A 61 32.66 4.64 11.42
N TYR A 62 31.77 4.54 12.40
CA TYR A 62 30.34 4.63 12.18
C TYR A 62 29.74 5.67 13.11
N ALA A 63 28.61 6.24 12.70
CA ALA A 63 27.87 7.13 13.56
C ALA A 63 27.07 6.34 14.59
N GLU A 64 26.90 6.93 15.77
CA GLU A 64 26.22 6.23 16.86
C GLU A 64 24.82 5.78 16.47
N SER A 65 24.15 6.51 15.57
CA SER A 65 22.79 6.19 15.20
C SER A 65 22.68 5.00 14.26
N VAL A 66 23.78 4.59 13.63
CA VAL A 66 23.78 3.49 12.68
C VAL A 66 24.56 2.28 13.18
N LYS A 67 25.16 2.36 14.35
CA LYS A 67 25.93 1.25 14.89
C LYS A 67 25.06 0.02 15.03
N GLY A 68 25.61 -1.14 14.70
CA GLY A 68 24.89 -2.39 14.74
C GLY A 68 23.91 -2.60 13.60
N ARG A 69 23.62 -1.56 12.82
CA ARG A 69 22.69 -1.65 11.70
C ARG A 69 23.40 -1.54 10.35
N PHE A 70 24.26 -0.54 10.18
CA PHE A 70 24.93 -0.30 8.92
C PHE A 70 26.35 -0.88 8.96
N THR A 71 26.87 -1.21 7.79
CA THR A 71 28.24 -1.68 7.64
C THR A 71 28.79 -1.18 6.32
N ILE A 72 29.96 -0.55 6.36
CA ILE A 72 30.62 0.01 5.19
C ILE A 72 31.72 -0.95 4.75
N SER A 73 31.90 -1.07 3.43
CA SER A 73 32.87 -2.02 2.88
C SER A 73 33.29 -1.53 1.50
N SER A 74 34.45 -2.03 1.06
CA SER A 74 35.03 -1.62 -0.22
C SER A 74 35.65 -2.83 -0.91
N ASP A 75 35.69 -2.77 -2.24
CA ASP A 75 36.30 -3.79 -3.07
C ASP A 75 37.16 -3.09 -4.12
N LYS A 76 38.48 -3.14 -3.94
CA LYS A 76 39.38 -2.44 -4.85
C LYS A 76 39.20 -2.96 -6.28
N SER A 77 39.20 -4.28 -6.45
CA SER A 77 39.08 -4.83 -7.80
C SER A 77 37.94 -4.21 -8.58
N LYS A 78 36.90 -3.73 -7.89
CA LYS A 78 35.79 -3.03 -8.50
C LYS A 78 35.90 -1.51 -8.38
N ARG A 79 36.89 -1.00 -7.66
CA ARG A 79 37.03 0.43 -7.40
C ARG A 79 35.73 1.00 -6.84
N SER A 80 35.26 0.40 -5.75
CA SER A 80 33.93 0.71 -5.24
C SER A 80 33.91 0.61 -3.72
N VAL A 81 33.07 1.44 -3.10
CA VAL A 81 32.73 1.36 -1.70
C VAL A 81 31.23 1.10 -1.58
N TYR A 82 30.84 0.37 -0.55
CA TYR A 82 29.45 -0.03 -0.37
C TYR A 82 29.00 0.28 1.05
N LEU A 83 27.72 0.61 1.17
CA LEU A 83 27.06 0.83 2.47
C LEU A 83 25.89 -0.14 2.57
N GLN A 84 25.95 -1.05 3.53
CA GLN A 84 24.90 -2.02 3.77
C GLN A 84 23.99 -1.49 4.88
N MET A 85 22.71 -1.34 4.58
CA MET A 85 21.73 -0.85 5.54
C MET A 85 20.75 -1.96 5.88
N ASN A 86 20.56 -2.21 7.17
CA ASN A 86 19.60 -3.20 7.66
C ASN A 86 18.75 -2.57 8.76
N ASN A 87 17.54 -3.10 8.92
CA ASN A 87 16.59 -2.58 9.90
C ASN A 87 16.40 -1.07 9.70
N LEU A 88 16.05 -0.70 8.47
CA LEU A 88 15.88 0.70 8.14
C LEU A 88 14.66 1.28 8.85
N ARG A 89 14.78 2.56 9.22
CA ARG A 89 13.71 3.30 9.87
C ARG A 89 13.37 4.53 9.04
N ALA A 90 12.31 5.23 9.45
CA ALA A 90 11.89 6.44 8.74
C ALA A 90 12.94 7.53 8.85
N GLU A 91 13.74 7.52 9.92
CA GLU A 91 14.77 8.54 10.10
C GLU A 91 15.96 8.34 9.17
N ASP A 92 16.00 7.26 8.41
CA ASP A 92 17.10 6.98 7.49
C ASP A 92 16.81 7.44 6.07
N THR A 93 15.67 8.07 5.84
CA THR A 93 15.36 8.60 4.51
C THR A 93 16.22 9.81 4.22
N GLY A 94 16.71 9.90 2.99
CA GLY A 94 17.51 11.03 2.58
C GLY A 94 18.31 10.72 1.34
N ILE A 95 18.95 11.75 0.82
CA ILE A 95 19.86 11.61 -0.31
C ILE A 95 21.23 11.23 0.26
N TYR A 96 21.67 10.01 -0.01
CA TYR A 96 22.95 9.53 0.48
C TYR A 96 24.05 9.91 -0.50
N PHE A 97 25.08 10.57 0.02
CA PHE A 97 26.24 10.99 -0.77
C PHE A 97 27.46 10.22 -0.29
N CYS A 98 28.37 9.96 -1.23
CA CYS A 98 29.71 9.47 -0.92
C CYS A 98 30.72 10.56 -1.25
N SER A 99 31.77 10.65 -0.43
CA SER A 99 32.77 11.69 -0.58
C SER A 99 34.16 11.16 -0.28
N LEU A 100 35.11 11.54 -1.13
CA LEU A 100 36.53 11.27 -0.87
C LEU A 100 37.08 12.37 0.02
N TRP A 101 37.67 11.98 1.15
CA TRP A 101 38.17 12.92 2.15
C TRP A 101 39.66 12.69 2.38
N GLN A 102 40.44 13.76 2.26
CA GLN A 102 41.84 13.75 2.70
C GLN A 102 42.12 15.15 3.23
N THR A 103 42.06 15.30 4.56
CA THR A 103 42.17 16.61 5.22
C THR A 103 40.86 17.37 5.07
N TRP A 104 40.35 17.45 3.84
CA TRP A 104 39.09 18.09 3.51
C TRP A 104 38.28 17.16 2.62
N PHE A 105 36.99 17.46 2.46
CA PHE A 105 36.12 16.70 1.57
C PHE A 105 36.39 17.16 0.14
N ALA A 106 37.16 16.36 -0.59
CA ALA A 106 37.72 16.81 -1.87
C ALA A 106 36.86 16.45 -3.06
N TYR A 107 36.01 15.43 -2.97
CA TYR A 107 35.17 15.05 -4.09
C TYR A 107 33.85 14.48 -3.55
N TRP A 108 32.79 14.68 -4.33
CA TRP A 108 31.45 14.28 -3.95
C TRP A 108 30.77 13.56 -5.10
N GLY A 109 29.87 12.64 -4.75
CA GLY A 109 29.02 12.00 -5.73
C GLY A 109 27.72 12.77 -5.95
N GLN A 110 26.94 12.30 -6.92
CA GLN A 110 25.68 12.96 -7.23
C GLN A 110 24.57 12.61 -6.25
N GLY A 111 24.75 11.58 -5.44
CA GLY A 111 23.73 11.20 -4.48
C GLY A 111 22.68 10.30 -5.08
N THR A 112 22.14 9.42 -4.23
CA THR A 112 21.05 8.53 -4.59
C THR A 112 20.04 8.54 -3.46
N LEU A 113 18.75 8.58 -3.81
CA LEU A 113 17.70 8.78 -2.82
C LEU A 113 17.29 7.45 -2.19
N VAL A 114 17.27 7.43 -0.86
CA VAL A 114 16.80 6.30 -0.07
C VAL A 114 15.57 6.75 0.69
N THR A 115 14.42 6.17 0.38
CA THR A 115 13.15 6.52 1.01
C THR A 115 12.64 5.33 1.80
N VAL A 116 12.43 5.53 3.09
CA VAL A 116 11.88 4.51 3.98
C VAL A 116 10.45 4.90 4.27
N SER A 117 9.50 4.20 3.65
CA SER A 117 8.09 4.51 3.82
C SER A 117 7.26 3.26 3.54
N SER A 118 6.13 3.16 4.23
CA SER A 118 5.19 2.06 4.04
C SER A 118 4.06 2.40 3.09
N ALA A 119 3.90 3.67 2.72
CA ALA A 119 2.78 4.07 1.89
C ALA A 119 2.88 3.44 0.50
N LYS A 120 1.72 3.29 -0.14
CA LYS A 120 1.60 2.73 -1.47
C LYS A 120 1.55 3.86 -2.50
N THR A 121 1.68 3.48 -3.77
CA THR A 121 1.60 4.47 -4.83
C THR A 121 0.19 5.07 -4.86
N THR A 122 0.08 6.37 -4.58
CA THR A 122 -1.20 7.02 -4.42
C THR A 122 -1.30 8.22 -5.35
N PRO A 123 -2.38 8.33 -6.12
CA PRO A 123 -2.48 9.45 -7.07
C PRO A 123 -3.01 10.70 -6.38
N PRO A 124 -2.75 11.87 -6.94
CA PRO A 124 -3.16 13.11 -6.29
C PRO A 124 -4.66 13.40 -6.45
N SER A 125 -5.19 14.10 -5.45
CA SER A 125 -6.53 14.67 -5.52
C SER A 125 -6.39 16.16 -5.79
N VAL A 126 -6.74 16.58 -7.00
CA VAL A 126 -6.51 17.95 -7.44
C VAL A 126 -7.74 18.79 -7.13
N TYR A 127 -7.58 19.76 -6.24
CA TYR A 127 -8.66 20.65 -5.85
C TYR A 127 -8.41 22.06 -6.35
N PRO A 128 -9.45 22.76 -6.79
CA PRO A 128 -9.24 24.12 -7.34
C PRO A 128 -9.19 25.17 -6.24
N LEU A 129 -8.34 26.17 -6.46
CA LEU A 129 -8.22 27.31 -5.55
C LEU A 129 -8.63 28.56 -6.30
N ALA A 130 -9.70 29.19 -5.85
CA ALA A 130 -10.24 30.38 -6.50
C ALA A 130 -10.48 31.46 -5.46
N PRO A 131 -10.35 32.73 -5.85
CA PRO A 131 -10.43 33.81 -4.86
C PRO A 131 -11.80 33.89 -4.22
N GLY A 132 -11.83 34.53 -3.03
CA GLY A 132 -13.07 34.94 -2.43
C GLY A 132 -13.50 36.31 -2.92
N SER A 133 -14.69 36.73 -2.50
CA SER A 133 -15.20 38.02 -2.94
C SER A 133 -14.34 39.18 -2.45
N ALA A 134 -13.54 38.97 -1.40
CA ALA A 134 -12.60 40.00 -0.97
C ALA A 134 -11.46 40.20 -1.96
N ALA A 135 -11.30 39.30 -2.93
CA ALA A 135 -10.20 39.34 -3.88
C ALA A 135 -10.71 39.26 -5.31
N GLN A 136 -11.83 39.93 -5.58
CA GLN A 136 -12.36 40.04 -6.93
C GLN A 136 -12.16 41.43 -7.52
N THR A 137 -11.46 42.31 -6.81
CA THR A 137 -11.33 43.71 -7.21
C THR A 137 -9.94 44.08 -7.72
N ASN A 138 -8.97 43.18 -7.62
CA ASN A 138 -7.60 43.49 -8.02
C ASN A 138 -7.44 43.40 -9.53
N SER A 139 -6.53 44.21 -10.07
CA SER A 139 -6.29 44.20 -11.50
C SER A 139 -5.77 42.85 -11.97
N MET A 140 -5.00 42.17 -11.13
CA MET A 140 -4.51 40.83 -11.40
C MET A 140 -5.13 39.85 -10.41
N VAL A 141 -5.45 38.66 -10.88
CA VAL A 141 -6.12 37.63 -10.09
C VAL A 141 -5.23 36.41 -10.03
N THR A 142 -5.01 35.91 -8.81
CA THR A 142 -4.15 34.75 -8.59
C THR A 142 -5.03 33.52 -8.40
N LEU A 143 -5.05 32.66 -9.42
CA LEU A 143 -5.71 31.37 -9.32
C LEU A 143 -4.72 30.33 -8.80
N GLY A 144 -5.25 29.20 -8.35
CA GLY A 144 -4.43 28.18 -7.72
C GLY A 144 -4.98 26.80 -7.97
N CYS A 145 -4.28 25.81 -7.42
CA CYS A 145 -4.56 24.41 -7.69
C CYS A 145 -3.84 23.55 -6.66
N LEU A 146 -4.60 22.98 -5.73
CA LEU A 146 -4.06 22.17 -4.65
C LEU A 146 -3.96 20.72 -5.09
N VAL A 147 -2.81 20.12 -4.83
CA VAL A 147 -2.54 18.73 -5.20
C VAL A 147 -2.28 17.98 -3.90
N LYS A 148 -3.26 17.19 -3.48
CA LYS A 148 -3.31 16.65 -2.12
C LYS A 148 -3.26 15.12 -2.12
N GLY A 149 -2.46 14.57 -1.23
CA GLY A 149 -2.41 13.15 -1.00
C GLY A 149 -1.90 12.34 -2.17
N TYR A 150 -0.64 12.53 -2.53
CA TYR A 150 0.00 11.77 -3.59
C TYR A 150 1.31 11.18 -3.09
N PHE A 151 1.74 10.10 -3.74
CA PHE A 151 2.95 9.40 -3.36
C PHE A 151 3.37 8.51 -4.52
N PRO A 152 4.66 8.47 -4.87
CA PRO A 152 5.79 9.25 -4.33
C PRO A 152 5.91 10.58 -5.07
N GLU A 153 6.95 11.35 -4.78
CA GLU A 153 7.28 12.48 -5.63
C GLU A 153 7.85 11.94 -6.95
N PRO A 154 7.82 12.74 -8.01
CA PRO A 154 7.25 14.09 -8.11
C PRO A 154 5.91 14.12 -8.83
N VAL A 155 5.24 15.27 -8.75
CA VAL A 155 4.17 15.61 -9.69
C VAL A 155 4.63 16.84 -10.46
N THR A 156 4.09 17.00 -11.66
CA THR A 156 4.41 18.14 -12.51
C THR A 156 3.13 18.89 -12.84
N VAL A 157 3.12 20.19 -12.57
CA VAL A 157 1.95 21.03 -12.76
C VAL A 157 2.22 21.97 -13.93
N THR A 158 1.26 22.03 -14.86
CA THR A 158 1.31 23.00 -15.95
C THR A 158 -0.08 23.60 -16.12
N TRP A 159 -0.11 24.87 -16.52
CA TRP A 159 -1.33 25.65 -16.60
C TRP A 159 -1.70 25.88 -18.06
N ASN A 160 -2.92 25.50 -18.44
CA ASN A 160 -3.38 25.59 -19.82
C ASN A 160 -2.44 24.83 -20.76
N SER A 161 -1.90 23.71 -20.27
CA SER A 161 -1.06 22.83 -21.06
C SER A 161 0.24 23.49 -21.49
N GLY A 162 0.77 24.37 -20.63
CA GLY A 162 2.02 25.05 -20.90
C GLY A 162 1.88 26.41 -21.54
N SER A 163 0.76 26.68 -22.22
CA SER A 163 0.56 27.97 -22.86
C SER A 163 0.51 29.13 -21.87
N LEU A 164 0.41 28.84 -20.58
CA LEU A 164 0.40 29.86 -19.52
C LEU A 164 1.66 29.60 -18.69
N SER A 165 2.77 30.22 -19.09
CA SER A 165 4.08 29.92 -18.54
C SER A 165 4.60 30.98 -17.58
N SER A 166 4.28 32.26 -17.82
CA SER A 166 4.73 33.34 -16.96
C SER A 166 3.75 33.52 -15.80
N GLY A 167 4.27 33.86 -14.64
CA GLY A 167 3.46 34.09 -13.46
C GLY A 167 3.14 32.86 -12.66
N VAL A 168 3.71 31.71 -13.01
CA VAL A 168 3.42 30.47 -12.29
C VAL A 168 4.32 30.38 -11.06
N HIS A 169 3.79 29.76 -10.01
CA HIS A 169 4.54 29.54 -8.77
C HIS A 169 4.11 28.19 -8.21
N THR A 170 4.97 27.18 -8.37
CA THR A 170 4.79 25.88 -7.76
C THR A 170 5.62 25.82 -6.50
N PHE A 171 4.99 25.46 -5.39
CA PHE A 171 5.61 25.52 -4.08
C PHE A 171 6.13 24.16 -3.66
N PRO A 172 7.00 24.10 -2.66
CA PRO A 172 7.59 22.82 -2.26
C PRO A 172 6.56 21.90 -1.63
N ALA A 173 6.67 20.61 -1.92
CA ALA A 173 5.77 19.62 -1.36
C ALA A 173 5.98 19.48 0.14
N VAL A 174 4.89 19.46 0.89
CA VAL A 174 4.91 19.12 2.30
C VAL A 174 4.53 17.65 2.44
N LEU A 175 4.94 17.04 3.55
CA LEU A 175 4.66 15.63 3.80
C LEU A 175 3.90 15.49 5.11
N GLN A 176 2.77 14.79 5.06
CA GLN A 176 1.99 14.47 6.25
C GLN A 176 1.40 13.07 6.10
N SER A 177 1.61 12.23 7.10
CA SER A 177 1.07 10.87 7.13
C SER A 177 1.45 10.12 5.86
N ASP A 178 2.75 10.05 5.61
CA ASP A 178 3.31 9.26 4.51
C ASP A 178 2.81 9.73 3.15
N LEU A 179 2.22 10.92 3.07
CA LEU A 179 1.62 11.42 1.84
C LEU A 179 2.02 12.88 1.61
N TYR A 180 2.22 13.23 0.34
CA TYR A 180 2.71 14.54 -0.05
C TYR A 180 1.56 15.46 -0.45
N THR A 181 1.88 16.76 -0.50
CA THR A 181 0.89 17.77 -0.90
C THR A 181 1.63 19.05 -1.25
N LEU A 182 1.43 19.54 -2.48
CA LEU A 182 1.98 20.82 -2.91
C LEU A 182 0.89 21.64 -3.57
N SER A 183 1.22 22.89 -3.89
CA SER A 183 0.30 23.81 -4.54
C SER A 183 1.01 24.52 -5.69
N SER A 184 0.22 24.93 -6.67
CA SER A 184 0.73 25.73 -7.78
C SER A 184 -0.28 26.83 -8.08
N SER A 185 0.22 28.04 -8.28
CA SER A 185 -0.63 29.19 -8.57
C SER A 185 -0.18 29.82 -9.88
N VAL A 186 -1.10 30.57 -10.49
CA VAL A 186 -0.81 31.35 -11.68
C VAL A 186 -1.59 32.66 -11.57
N THR A 187 -0.91 33.78 -11.81
CA THR A 187 -1.50 35.10 -11.71
C THR A 187 -1.69 35.65 -13.11
N VAL A 188 -2.93 35.97 -13.45
CA VAL A 188 -3.28 36.40 -14.80
C VAL A 188 -4.06 37.71 -14.71
N PRO A 189 -4.15 38.45 -15.80
CA PRO A 189 -4.96 39.68 -15.79
C PRO A 189 -6.42 39.36 -15.48
N SER A 190 -7.05 40.24 -14.70
CA SER A 190 -8.46 40.06 -14.37
C SER A 190 -9.36 40.16 -15.60
N SER A 191 -8.85 40.67 -16.72
CA SER A 191 -9.61 40.70 -17.97
C SER A 191 -9.60 39.36 -18.70
N THR A 192 -8.71 38.44 -18.32
CA THR A 192 -8.62 37.13 -18.97
C THR A 192 -9.41 36.04 -18.25
N TRP A 193 -9.67 36.21 -16.95
CA TRP A 193 -10.42 35.24 -16.18
C TRP A 193 -11.57 35.95 -15.47
N PRO A 194 -12.78 35.38 -15.48
CA PRO A 194 -13.16 34.07 -16.03
C PRO A 194 -13.50 34.08 -17.52
N SER A 195 -13.36 35.21 -18.21
CA SER A 195 -13.71 35.27 -19.63
C SER A 195 -13.07 34.12 -20.39
N GLU A 196 -11.75 33.98 -20.29
CA GLU A 196 -11.04 32.84 -20.82
C GLU A 196 -10.83 31.81 -19.72
N THR A 197 -10.83 30.53 -20.10
CA THR A 197 -10.65 29.48 -19.10
C THR A 197 -9.19 29.42 -18.65
N VAL A 198 -8.98 28.89 -17.45
CA VAL A 198 -7.66 28.67 -16.89
C VAL A 198 -7.68 27.32 -16.17
N THR A 199 -6.73 26.46 -16.51
CA THR A 199 -6.77 25.07 -16.07
C THR A 199 -5.37 24.63 -15.63
N CYS A 200 -5.30 23.98 -14.47
CA CYS A 200 -4.07 23.34 -14.05
C CYS A 200 -4.09 21.89 -14.52
N ASN A 201 -3.01 21.46 -15.15
CA ASN A 201 -2.83 20.08 -15.60
C ASN A 201 -1.74 19.46 -14.74
N VAL A 202 -2.13 18.52 -13.89
CA VAL A 202 -1.22 17.85 -12.97
C VAL A 202 -0.96 16.44 -13.51
N ALA A 203 0.30 16.00 -13.41
CA ALA A 203 0.71 14.68 -13.87
C ALA A 203 1.47 13.99 -12.75
N HIS A 204 1.15 12.71 -12.52
CA HIS A 204 1.79 11.89 -11.49
C HIS A 204 2.26 10.60 -12.14
N PRO A 205 3.44 10.62 -12.77
CA PRO A 205 3.84 9.44 -13.57
C PRO A 205 3.85 8.15 -12.80
N ALA A 206 4.11 8.20 -11.49
CA ALA A 206 4.16 6.98 -10.69
C ALA A 206 2.86 6.18 -10.84
N SER A 207 1.72 6.85 -10.78
CA SER A 207 0.42 6.23 -10.95
C SER A 207 -0.16 6.42 -12.34
N SER A 208 0.64 6.92 -13.29
CA SER A 208 0.19 7.17 -14.65
C SER A 208 -1.13 7.94 -14.65
N THR A 209 -1.17 8.99 -13.85
CA THR A 209 -2.38 9.79 -13.64
C THR A 209 -2.14 11.22 -14.10
N LYS A 210 -3.09 11.76 -14.86
CA LYS A 210 -3.09 13.16 -15.26
C LYS A 210 -4.48 13.72 -14.99
N VAL A 211 -4.54 14.85 -14.31
CA VAL A 211 -5.80 15.49 -13.94
C VAL A 211 -5.77 16.93 -14.40
N ASP A 212 -6.78 17.32 -15.17
CA ASP A 212 -6.99 18.71 -15.55
C ASP A 212 -8.14 19.27 -14.72
N LYS A 213 -7.94 20.46 -14.14
CA LYS A 213 -8.91 21.07 -13.26
C LYS A 213 -9.09 22.54 -13.67
N LYS A 214 -10.26 22.87 -14.22
CA LYS A 214 -10.55 24.23 -14.61
C LYS A 214 -11.00 25.04 -13.39
N ILE A 215 -10.45 26.24 -13.24
CA ILE A 215 -10.75 27.10 -12.12
C ILE A 215 -11.94 27.99 -12.50
N VAL A 216 -13.07 27.76 -11.86
CA VAL A 216 -14.30 28.50 -12.13
C VAL A 216 -14.59 29.40 -10.93
N PRO A 217 -15.15 30.60 -11.13
CA PRO A 217 -15.37 31.49 -9.99
C PRO A 217 -16.26 30.84 -8.95
N ARG A 218 -16.02 31.18 -7.69
CA ARG A 218 -16.72 30.57 -6.56
C ARG A 218 -17.93 31.41 -6.18
N GLN B 1 24.83 13.74 22.01
CA GLN B 1 26.03 13.05 21.46
C GLN B 1 26.88 14.02 20.63
N ALA B 2 27.84 14.65 21.30
CA ALA B 2 28.78 15.57 20.67
C ALA B 2 28.07 16.48 19.68
N VAL B 3 27.12 17.25 20.21
CA VAL B 3 26.29 18.11 19.38
C VAL B 3 27.10 19.31 18.91
N VAL B 4 26.92 19.69 17.64
CA VAL B 4 27.62 20.81 17.03
C VAL B 4 26.57 21.82 16.56
N THR B 5 26.74 23.07 16.95
CA THR B 5 25.77 24.12 16.69
C THR B 5 26.40 25.23 15.85
N GLN B 6 25.58 25.80 14.96
CA GLN B 6 25.99 26.93 14.13
C GLN B 6 24.84 27.91 14.04
N GLU B 7 25.17 29.19 13.86
CA GLU B 7 24.14 30.18 13.56
C GLU B 7 23.28 29.67 12.42
N SER B 8 21.97 29.63 12.62
CA SER B 8 21.09 29.13 11.57
C SER B 8 21.09 30.03 10.35
N ALA B 9 21.22 31.34 10.54
CA ALA B 9 21.20 32.27 9.42
C ALA B 9 22.01 33.51 9.75
N LEU B 10 22.68 34.04 8.72
CA LEU B 10 23.39 35.30 8.81
C LEU B 10 23.28 36.01 7.47
N THR B 11 23.32 37.34 7.51
CA THR B 11 23.17 38.15 6.32
C THR B 11 24.31 39.16 6.23
N THR B 12 24.94 39.23 5.07
CA THR B 12 26.00 40.19 4.81
C THR B 12 25.77 40.83 3.44
N SER B 13 26.51 41.90 3.17
CA SER B 13 26.48 42.56 1.88
C SER B 13 27.79 42.34 1.14
N PRO B 14 27.79 42.41 -0.19
CA PRO B 14 29.04 42.27 -0.95
C PRO B 14 30.11 43.20 -0.40
N GLY B 15 31.34 42.70 -0.36
CA GLY B 15 32.47 43.46 0.11
C GLY B 15 32.65 43.51 1.61
N GLU B 16 31.69 43.02 2.38
CA GLU B 16 31.79 43.03 3.83
C GLU B 16 32.42 41.74 4.34
N THR B 17 32.79 41.75 5.62
CA THR B 17 33.35 40.58 6.28
C THR B 17 32.27 39.94 7.14
N VAL B 18 32.15 38.63 7.07
CA VAL B 18 31.21 37.87 7.89
C VAL B 18 31.94 36.68 8.48
N THR B 19 31.48 36.26 9.67
CA THR B 19 32.13 35.19 10.41
C THR B 19 31.08 34.21 10.92
N LEU B 20 31.06 33.01 10.36
CA LEU B 20 30.28 31.92 10.93
C LEU B 20 31.10 31.24 12.02
N THR B 21 30.39 30.64 12.99
CA THR B 21 31.04 29.99 14.12
C THR B 21 30.52 28.57 14.25
N CYS B 22 31.16 27.82 15.15
CA CYS B 22 30.88 26.40 15.31
C CYS B 22 31.26 26.00 16.74
N ARG B 23 30.25 25.68 17.55
CA ARG B 23 30.42 25.43 18.97
C ARG B 23 30.18 23.96 19.26
N SER B 24 31.06 23.37 20.09
CA SER B 24 30.94 21.99 20.51
C SER B 24 30.38 21.92 21.92
N SER B 25 29.40 21.03 22.13
CA SER B 25 28.79 20.88 23.44
C SER B 25 29.70 20.15 24.42
N THR B 26 30.71 19.43 23.93
CA THR B 26 31.66 18.77 24.82
C THR B 26 32.56 19.79 25.51
N GLY B 27 32.78 20.94 24.90
CA GLY B 27 33.67 21.94 25.42
C GLY B 27 34.27 22.74 24.28
N ALA B 28 35.40 23.36 24.55
CA ALA B 28 36.05 24.22 23.56
C ALA B 28 36.44 23.41 22.33
N VAL B 29 36.07 23.92 21.15
CA VAL B 29 36.60 23.36 19.91
C VAL B 29 38.11 23.57 19.89
N THR B 30 38.85 22.53 19.53
CA THR B 30 40.30 22.59 19.47
C THR B 30 40.77 22.15 18.09
N THR B 31 42.03 22.49 17.78
CA THR B 31 42.62 22.04 16.52
C THR B 31 42.46 20.55 16.34
N SER B 32 42.34 19.81 17.44
CA SER B 32 42.26 18.35 17.42
C SER B 32 40.87 17.84 17.03
N ASN B 33 39.87 18.70 16.93
CA ASN B 33 38.64 18.32 16.26
C ASN B 33 38.78 18.40 14.74
N TYR B 34 39.87 18.98 14.25
CA TYR B 34 40.14 19.08 12.81
C TYR B 34 38.93 19.63 12.08
N ALA B 35 38.44 20.77 12.57
CA ALA B 35 37.21 21.34 12.05
C ALA B 35 37.24 21.45 10.54
N ASN B 36 36.16 21.04 9.90
CA ASN B 36 35.97 21.14 8.46
C ASN B 36 34.83 22.11 8.17
N TRP B 37 34.80 22.58 6.93
CA TRP B 37 33.73 23.44 6.45
C TRP B 37 33.38 23.04 5.03
N VAL B 38 32.09 22.82 4.77
CA VAL B 38 31.59 22.36 3.48
C VAL B 38 30.50 23.32 3.02
N GLN B 39 30.68 23.89 1.83
CA GLN B 39 29.70 24.77 1.23
C GLN B 39 28.72 23.97 0.39
N GLU B 40 27.43 24.19 0.59
CA GLU B 40 26.38 23.55 -0.19
C GLU B 40 25.57 24.64 -0.90
N LYS B 41 25.52 24.55 -2.21
CA LYS B 41 24.69 25.39 -3.06
C LYS B 41 23.51 24.57 -3.59
N PRO B 42 22.48 25.22 -4.12
CA PRO B 42 21.34 24.47 -4.67
C PRO B 42 21.76 23.35 -5.61
N ASP B 43 20.86 22.38 -5.80
CA ASP B 43 21.11 21.21 -6.64
C ASP B 43 22.16 20.30 -6.00
N HIS B 44 22.05 20.12 -4.68
CA HIS B 44 22.97 19.31 -3.90
C HIS B 44 24.43 19.53 -4.30
N LEU B 45 24.77 20.75 -4.70
CA LEU B 45 26.16 21.09 -4.98
C LEU B 45 26.95 21.10 -3.68
N PHE B 46 28.17 20.56 -3.74
CA PHE B 46 29.00 20.43 -2.55
C PHE B 46 30.44 20.79 -2.89
N THR B 47 31.07 21.55 -1.99
CA THR B 47 32.47 21.91 -2.13
C THR B 47 33.12 21.90 -0.75
N GLY B 48 34.24 21.20 -0.63
CA GLY B 48 35.02 21.23 0.59
C GLY B 48 35.89 22.48 0.66
N LEU B 49 35.61 23.34 1.64
CA LEU B 49 36.35 24.59 1.78
C LEU B 49 37.55 24.43 2.71
N ILE B 50 37.30 24.13 3.98
CA ILE B 50 38.33 24.11 5.00
C ILE B 50 38.42 22.73 5.62
N GLY B 51 39.65 22.29 5.87
CA GLY B 51 39.89 21.09 6.66
C GLY B 51 40.98 21.35 7.67
N GLY B 52 41.09 20.44 8.64
CA GLY B 52 42.07 20.61 9.70
C GLY B 52 42.09 22.01 10.26
N THR B 53 40.91 22.53 10.59
CA THR B 53 40.73 23.84 11.20
C THR B 53 40.96 24.98 10.21
N ASN B 54 42.08 24.99 9.49
CA ASN B 54 42.39 26.15 8.65
C ASN B 54 43.13 25.78 7.36
N ASN B 55 42.90 24.58 6.84
CA ASN B 55 43.52 24.14 5.59
C ASN B 55 42.54 24.37 4.45
N ARG B 56 42.87 25.29 3.55
CA ARG B 56 41.99 25.64 2.43
C ARG B 56 42.28 24.72 1.26
N ALA B 57 41.27 23.94 0.87
CA ALA B 57 41.42 23.07 -0.29
C ALA B 57 41.80 23.89 -1.52
N PRO B 58 42.47 23.28 -2.49
CA PRO B 58 42.81 24.02 -3.71
C PRO B 58 41.58 24.46 -4.46
N GLY B 59 41.72 25.55 -5.21
CA GLY B 59 40.65 26.13 -5.97
C GLY B 59 39.69 26.99 -5.17
N VAL B 60 39.70 26.89 -3.84
CA VAL B 60 38.79 27.67 -3.01
C VAL B 60 39.30 29.11 -2.95
N PRO B 61 38.44 30.11 -3.19
CA PRO B 61 38.92 31.49 -3.23
C PRO B 61 39.67 31.86 -1.95
N ALA B 62 40.64 32.75 -2.09
CA ALA B 62 41.47 33.14 -0.95
C ALA B 62 40.66 33.83 0.13
N ARG B 63 39.51 34.41 -0.21
CA ARG B 63 38.74 35.15 0.78
C ARG B 63 38.14 34.26 1.86
N PHE B 64 38.28 32.94 1.76
CA PHE B 64 37.83 32.02 2.79
C PHE B 64 38.98 31.66 3.72
N SER B 65 38.64 31.44 4.99
CA SER B 65 39.65 31.12 5.98
C SER B 65 38.99 30.45 7.18
N GLY B 66 39.71 29.51 7.78
CA GLY B 66 39.28 28.82 8.97
C GLY B 66 40.20 29.15 10.13
N SER B 67 39.65 29.11 11.35
CA SER B 67 40.41 29.45 12.54
C SER B 67 39.55 29.14 13.75
N LEU B 68 40.16 29.26 14.92
CA LEU B 68 39.46 29.17 16.19
C LEU B 68 39.24 30.58 16.75
N ILE B 69 38.09 30.78 17.38
CA ILE B 69 37.80 32.02 18.11
C ILE B 69 37.28 31.57 19.48
N GLY B 70 38.18 31.44 20.44
CA GLY B 70 37.78 30.95 21.74
C GLY B 70 37.36 29.50 21.67
N ASP B 71 36.17 29.21 22.16
CA ASP B 71 35.67 27.85 22.27
C ASP B 71 35.00 27.35 20.99
N LYS B 72 35.21 28.05 19.87
CA LYS B 72 34.53 27.69 18.63
C LYS B 72 35.50 27.71 17.46
N ALA B 73 35.19 26.92 16.43
CA ALA B 73 35.81 27.09 15.13
C ALA B 73 35.03 28.16 14.37
N ALA B 74 35.72 28.82 13.43
CA ALA B 74 35.15 29.96 12.75
C ALA B 74 35.58 29.99 11.29
N LEU B 75 34.59 30.07 10.39
CA LEU B 75 34.83 30.36 8.99
C LEU B 75 34.66 31.86 8.77
N THR B 76 35.62 32.48 8.10
CA THR B 76 35.61 33.93 7.88
C THR B 76 35.72 34.23 6.40
N ILE B 77 34.67 34.79 5.82
CA ILE B 77 34.68 35.24 4.44
C ILE B 77 34.99 36.74 4.44
N THR B 78 36.12 37.11 3.85
CA THR B 78 36.59 38.49 3.85
C THR B 78 36.28 39.12 2.51
N GLY B 79 35.43 40.15 2.52
CA GLY B 79 34.98 40.75 1.29
C GLY B 79 34.11 39.78 0.51
N ALA B 80 32.87 39.60 0.97
CA ALA B 80 31.98 38.61 0.40
C ALA B 80 31.58 38.99 -1.03
N GLN B 81 31.12 37.99 -1.78
CA GLN B 81 30.59 38.19 -3.11
C GLN B 81 29.23 37.52 -3.21
N THR B 82 28.43 37.98 -4.18
CA THR B 82 27.07 37.47 -4.32
C THR B 82 27.07 35.95 -4.48
N ASP B 83 28.05 35.41 -5.20
CA ASP B 83 28.12 33.96 -5.36
C ASP B 83 28.53 33.24 -4.07
N ASP B 84 28.66 33.91 -2.93
CA ASP B 84 28.92 33.22 -1.67
C ASP B 84 27.64 32.86 -0.92
N GLU B 85 26.49 33.36 -1.37
CA GLU B 85 25.23 32.96 -0.77
C GLU B 85 25.05 31.45 -0.88
N ALA B 86 24.97 30.78 0.28
CA ALA B 86 24.89 29.33 0.33
C ALA B 86 24.70 28.85 1.76
N ILE B 87 24.59 27.53 1.94
CA ILE B 87 24.60 26.92 3.27
C ILE B 87 26.01 26.44 3.56
N TYR B 88 26.47 26.65 4.78
CA TYR B 88 27.84 26.31 5.18
C TYR B 88 27.78 25.39 6.38
N PHE B 89 28.26 24.17 6.20
CA PHE B 89 28.21 23.15 7.26
C PHE B 89 29.57 23.03 7.94
N CYS B 90 29.54 22.99 9.26
CA CYS B 90 30.72 22.73 10.07
C CYS B 90 30.70 21.27 10.52
N ALA B 91 31.87 20.63 10.48
CA ALA B 91 32.02 19.25 10.89
C ALA B 91 33.24 19.13 11.79
N LEU B 92 33.03 18.57 12.99
CA LEU B 92 34.11 18.35 13.94
C LEU B 92 34.35 16.85 14.09
N TRP B 93 35.63 16.48 14.20
CA TRP B 93 36.01 15.10 14.44
C TRP B 93 36.08 14.85 15.94
N TYR B 94 35.49 13.76 16.39
CA TYR B 94 35.45 13.41 17.82
C TYR B 94 36.11 12.04 18.01
N SER B 95 37.43 11.98 17.76
CA SER B 95 38.22 10.78 18.01
C SER B 95 37.82 9.61 17.11
N ASN B 96 36.55 9.18 17.18
CA ASN B 96 36.11 7.99 16.46
C ASN B 96 34.89 8.23 15.59
N HIS B 97 34.57 9.50 15.30
CA HIS B 97 33.40 9.80 14.49
C HIS B 97 33.39 11.29 14.16
N LEU B 98 32.74 11.62 13.06
CA LEU B 98 32.53 13.00 12.64
C LEU B 98 31.08 13.38 12.90
N VAL B 99 30.85 14.67 13.16
CA VAL B 99 29.52 15.19 13.46
C VAL B 99 29.35 16.50 12.70
N PHE B 100 28.30 16.59 11.89
CA PHE B 100 27.94 17.82 11.20
C PHE B 100 27.06 18.69 12.09
N GLY B 101 27.18 20.00 11.91
CA GLY B 101 26.31 20.95 12.57
C GLY B 101 25.04 21.18 11.78
N GLY B 102 24.15 21.99 12.34
CA GLY B 102 22.90 22.28 11.68
C GLY B 102 23.05 23.05 10.39
N GLY B 103 24.16 23.76 10.22
CA GLY B 103 24.37 24.59 9.06
C GLY B 103 23.98 26.03 9.31
N THR B 104 24.49 26.91 8.45
CA THR B 104 24.20 28.33 8.53
C THR B 104 23.87 28.83 7.12
N LYS B 105 22.66 29.36 6.95
CA LYS B 105 22.25 29.89 5.66
C LYS B 105 22.74 31.33 5.54
N LEU B 106 23.76 31.54 4.72
CA LEU B 106 24.34 32.87 4.53
C LEU B 106 23.66 33.56 3.34
N THR B 107 23.10 34.73 3.57
CA THR B 107 22.53 35.56 2.52
C THR B 107 23.51 36.68 2.19
N VAL B 108 23.85 36.80 0.91
CA VAL B 108 24.66 37.91 0.41
C VAL B 108 23.74 38.75 -0.46
N LEU B 109 23.46 39.98 -0.03
CA LEU B 109 22.51 40.85 -0.70
C LEU B 109 22.84 40.97 -2.19
N GLY B 110 21.97 40.43 -3.04
CA GLY B 110 22.18 40.48 -4.47
C GLY B 110 21.14 41.31 -5.19
N GLN B 111 20.15 41.80 -4.45
CA GLN B 111 19.04 42.55 -5.01
C GLN B 111 18.31 43.24 -3.86
N PRO B 112 17.49 44.26 -4.15
CA PRO B 112 16.86 45.04 -3.08
C PRO B 112 15.75 44.27 -2.37
N LYS B 113 15.35 44.81 -1.21
CA LYS B 113 14.34 44.14 -0.40
C LYS B 113 13.01 44.16 -1.15
N SER B 114 12.36 43.00 -1.22
CA SER B 114 11.03 42.90 -1.82
C SER B 114 10.07 42.30 -0.80
N SER B 115 8.94 42.96 -0.62
CA SER B 115 7.95 42.47 0.33
C SER B 115 7.14 41.33 -0.29
N PRO B 116 6.61 40.43 0.55
CA PRO B 116 5.92 39.25 0.01
C PRO B 116 4.54 39.58 -0.53
N SER B 117 4.18 38.89 -1.61
CA SER B 117 2.84 38.96 -2.19
C SER B 117 2.04 37.78 -1.66
N VAL B 118 1.04 38.07 -0.83
CA VAL B 118 0.29 37.04 -0.12
C VAL B 118 -1.09 36.89 -0.77
N THR B 119 -1.58 35.66 -0.80
CA THR B 119 -2.87 35.34 -1.37
C THR B 119 -3.43 34.15 -0.60
N LEU B 120 -4.68 34.27 -0.15
CA LEU B 120 -5.31 33.27 0.70
C LEU B 120 -6.46 32.61 -0.06
N PHE B 121 -6.44 31.28 -0.11
CA PHE B 121 -7.46 30.52 -0.81
C PHE B 121 -8.28 29.72 0.19
N PRO B 122 -9.61 29.71 0.05
CA PRO B 122 -10.43 28.91 0.98
C PRO B 122 -10.49 27.46 0.53
N PRO B 123 -11.11 26.59 1.34
CA PRO B 123 -11.25 25.19 0.92
C PRO B 123 -12.13 25.08 -0.32
N SER B 124 -11.81 24.10 -1.16
CA SER B 124 -12.66 23.81 -2.29
C SER B 124 -13.91 23.07 -1.82
N SER B 125 -15.03 23.33 -2.49
CA SER B 125 -16.23 22.55 -2.25
C SER B 125 -15.97 21.07 -2.50
N GLU B 126 -15.14 20.76 -3.49
CA GLU B 126 -14.77 19.37 -3.76
C GLU B 126 -14.11 18.75 -2.54
N GLU B 127 -13.15 19.45 -1.94
CA GLU B 127 -12.41 18.87 -0.82
C GLU B 127 -13.30 18.69 0.40
N LEU B 128 -14.13 19.69 0.71
CA LEU B 128 -15.04 19.57 1.85
C LEU B 128 -15.88 18.31 1.78
N GLU B 129 -16.16 17.82 0.57
CA GLU B 129 -16.90 16.57 0.43
C GLU B 129 -16.15 15.38 1.02
N THR B 130 -14.83 15.52 1.22
CA THR B 130 -14.05 14.53 1.95
C THR B 130 -14.00 14.82 3.44
N ASN B 131 -14.86 15.74 3.91
CA ASN B 131 -14.90 16.17 5.31
C ASN B 131 -13.59 16.79 5.78
N LYS B 132 -12.74 17.21 4.84
CA LYS B 132 -11.48 17.87 5.12
C LYS B 132 -11.48 19.27 4.51
N ALA B 133 -10.84 20.21 5.21
CA ALA B 133 -10.77 21.60 4.76
C ALA B 133 -9.33 22.08 4.88
N THR B 134 -8.81 22.63 3.78
CA THR B 134 -7.43 23.12 3.75
C THR B 134 -7.41 24.52 3.16
N LEU B 135 -6.98 25.48 3.97
CA LEU B 135 -6.73 26.83 3.50
C LEU B 135 -5.28 26.92 3.03
N VAL B 136 -5.06 27.64 1.93
CA VAL B 136 -3.76 27.72 1.29
C VAL B 136 -3.36 29.19 1.23
N CYS B 137 -2.24 29.51 1.88
CA CYS B 137 -1.69 30.86 1.89
C CYS B 137 -0.40 30.84 1.09
N THR B 138 -0.44 31.43 -0.11
CA THR B 138 0.72 31.49 -0.98
C THR B 138 1.53 32.74 -0.68
N ILE B 139 2.86 32.62 -0.85
CA ILE B 139 3.80 33.69 -0.58
C ILE B 139 4.84 33.68 -1.69
N THR B 140 5.02 34.81 -2.37
CA THR B 140 5.95 34.87 -3.48
C THR B 140 6.67 36.21 -3.49
N ASP B 141 7.78 36.25 -4.22
CA ASP B 141 8.45 37.51 -4.58
C ASP B 141 8.86 38.31 -3.34
N PHE B 142 9.44 37.65 -2.35
CA PHE B 142 10.00 38.32 -1.18
C PHE B 142 11.49 38.06 -1.11
N TYR B 143 12.25 39.10 -0.74
CA TYR B 143 13.69 39.02 -0.64
C TYR B 143 14.13 39.93 0.50
N PRO B 144 15.00 39.46 1.41
CA PRO B 144 15.62 38.13 1.48
C PRO B 144 14.59 37.02 1.74
N GLY B 145 15.01 35.76 1.69
CA GLY B 145 14.07 34.66 1.71
C GLY B 145 13.79 34.06 3.07
N VAL B 146 13.26 34.86 3.99
CA VAL B 146 12.84 34.36 5.30
C VAL B 146 11.50 35.01 5.66
N VAL B 147 10.54 34.18 6.07
CA VAL B 147 9.21 34.66 6.43
C VAL B 147 8.71 33.89 7.64
N THR B 148 7.82 34.53 8.40
CA THR B 148 7.10 33.92 9.50
C THR B 148 5.61 33.94 9.18
N VAL B 149 4.92 32.86 9.51
CA VAL B 149 3.51 32.68 9.15
C VAL B 149 2.71 32.37 10.41
N ASP B 150 1.71 33.20 10.70
CA ASP B 150 0.82 33.01 11.84
C ASP B 150 -0.63 32.99 11.35
N TRP B 151 -1.41 32.05 11.87
CA TRP B 151 -2.81 31.88 11.51
C TRP B 151 -3.71 32.28 12.66
N LYS B 152 -4.78 33.00 12.34
CA LYS B 152 -5.84 33.32 13.28
C LYS B 152 -7.16 32.79 12.75
N VAL B 153 -7.98 32.23 13.64
CA VAL B 153 -9.32 31.74 13.31
C VAL B 153 -10.29 32.38 14.30
N ASP B 154 -11.19 33.22 13.79
CA ASP B 154 -12.08 34.00 14.64
C ASP B 154 -11.29 34.86 15.62
N GLY B 155 -10.20 35.45 15.14
CA GLY B 155 -9.38 36.34 15.94
C GLY B 155 -8.45 35.66 16.92
N THR B 156 -8.48 34.34 17.00
CA THR B 156 -7.65 33.60 17.95
C THR B 156 -6.49 32.94 17.23
N PRO B 157 -5.26 33.12 17.70
CA PRO B 157 -4.13 32.44 17.05
C PRO B 157 -4.29 30.93 17.09
N VAL B 158 -3.78 30.27 16.05
CA VAL B 158 -3.87 28.82 15.90
C VAL B 158 -2.51 28.22 16.24
N THR B 159 -2.53 27.16 17.05
CA THR B 159 -1.31 26.46 17.45
C THR B 159 -1.09 25.18 16.68
N GLN B 160 -2.15 24.50 16.25
CA GLN B 160 -2.07 23.17 15.66
C GLN B 160 -2.75 23.17 14.30
N GLY B 161 -2.32 22.25 13.44
CA GLY B 161 -2.89 22.10 12.13
C GLY B 161 -2.24 22.93 11.04
N MET B 162 -1.20 23.68 11.35
CA MET B 162 -0.53 24.54 10.39
C MET B 162 0.82 23.94 9.98
N GLU B 163 1.18 24.12 8.72
CA GLU B 163 2.44 23.63 8.21
C GLU B 163 2.92 24.55 7.09
N THR B 164 4.14 25.06 7.21
CA THR B 164 4.70 26.02 6.27
C THR B 164 5.92 25.42 5.60
N THR B 165 6.08 25.69 4.31
CA THR B 165 7.19 25.15 3.55
C THR B 165 8.42 26.04 3.70
N GLN B 166 9.59 25.43 3.51
CA GLN B 166 10.83 26.21 3.43
C GLN B 166 10.85 26.98 2.12
N PRO B 167 11.26 28.25 2.14
CA PRO B 167 11.24 29.05 0.90
C PRO B 167 12.01 28.37 -0.23
N SER B 168 11.76 28.83 -1.44
CA SER B 168 12.39 28.30 -2.64
C SER B 168 12.74 29.45 -3.57
N LYS B 169 13.91 29.36 -4.20
CA LYS B 169 14.38 30.44 -5.06
C LYS B 169 13.57 30.49 -6.36
N GLN B 170 13.07 31.67 -6.68
CA GLN B 170 12.43 31.91 -7.96
C GLN B 170 13.49 32.22 -9.02
N SER B 171 13.06 32.27 -10.28
CA SER B 171 13.97 32.60 -11.37
C SER B 171 14.65 33.94 -11.11
N ASN B 172 13.93 34.89 -10.51
CA ASN B 172 14.47 36.20 -10.20
C ASN B 172 15.21 36.24 -8.87
N ASN B 173 15.42 35.09 -8.24
CA ASN B 173 16.14 34.95 -6.98
C ASN B 173 15.43 35.63 -5.81
N LYS B 174 14.21 36.10 -6.03
CA LYS B 174 13.29 36.28 -4.92
C LYS B 174 12.82 34.90 -4.46
N TYR B 175 11.98 34.88 -3.43
CA TYR B 175 11.61 33.62 -2.80
C TYR B 175 10.11 33.47 -2.70
N MET B 176 9.68 32.21 -2.63
CA MET B 176 8.28 31.85 -2.55
C MET B 176 8.13 30.72 -1.54
N ALA B 177 6.96 30.68 -0.89
CA ALA B 177 6.66 29.64 0.07
C ALA B 177 5.16 29.61 0.29
N SER B 178 4.68 28.48 0.79
CA SER B 178 3.27 28.24 1.00
C SER B 178 3.04 27.68 2.41
N SER B 179 2.00 28.19 3.06
CA SER B 179 1.55 27.67 4.34
C SER B 179 0.17 27.05 4.17
N TYR B 180 -0.11 26.03 4.98
CA TYR B 180 -1.38 25.34 4.96
C TYR B 180 -1.96 25.30 6.36
N LEU B 181 -3.26 25.56 6.47
CA LEU B 181 -4.02 25.36 7.71
C LEU B 181 -5.00 24.22 7.44
N THR B 182 -4.79 23.09 8.12
CA THR B 182 -5.57 21.88 7.89
C THR B 182 -6.65 21.77 8.95
N LEU B 183 -7.91 21.70 8.51
CA LEU B 183 -9.07 21.66 9.39
C LEU B 183 -9.94 20.47 9.03
N THR B 184 -10.85 20.13 9.95
CA THR B 184 -11.96 19.26 9.62
C THR B 184 -13.06 20.07 8.96
N ALA B 185 -13.85 19.41 8.12
CA ALA B 185 -14.98 20.09 7.50
C ALA B 185 -15.85 20.76 8.55
N ARG B 186 -16.19 20.02 9.61
CA ARG B 186 -16.98 20.60 10.70
C ARG B 186 -16.33 21.88 11.21
N ALA B 187 -15.06 21.80 11.61
CA ALA B 187 -14.36 22.95 12.15
C ALA B 187 -14.45 24.15 11.21
N TRP B 188 -14.45 23.89 9.90
CA TRP B 188 -14.58 24.97 8.93
C TRP B 188 -15.98 25.57 8.96
N GLU B 189 -17.01 24.77 9.25
CA GLU B 189 -18.34 25.32 9.39
C GLU B 189 -18.50 26.09 10.69
N ARG B 190 -17.75 25.69 11.73
CA ARG B 190 -17.92 26.21 13.08
C ARG B 190 -17.31 27.60 13.28
N HIS B 191 -16.65 28.16 12.26
CA HIS B 191 -15.99 29.45 12.41
C HIS B 191 -16.18 30.25 11.14
N SER B 192 -15.92 31.56 11.24
CA SER B 192 -16.28 32.49 10.18
C SER B 192 -15.14 33.34 9.66
N SER B 193 -14.09 33.58 10.44
CA SER B 193 -12.99 34.47 10.05
C SER B 193 -11.67 33.72 10.10
N TYR B 194 -10.89 33.85 9.04
CA TYR B 194 -9.61 33.16 8.90
C TYR B 194 -8.58 34.15 8.36
N SER B 195 -7.41 34.20 8.99
CA SER B 195 -6.37 35.14 8.62
C SER B 195 -5.04 34.43 8.45
N CYS B 196 -4.26 34.89 7.47
CA CYS B 196 -2.89 34.44 7.26
C CYS B 196 -1.99 35.67 7.33
N GLN B 197 -1.14 35.72 8.35
CA GLN B 197 -0.24 36.84 8.57
C GLN B 197 1.18 36.42 8.24
N VAL B 198 1.78 37.06 7.24
CA VAL B 198 3.13 36.75 6.81
C VAL B 198 4.02 37.94 7.19
N THR B 199 4.98 37.68 8.08
CA THR B 199 5.92 38.70 8.52
C THR B 199 7.25 38.53 7.79
N HIS B 200 7.80 39.63 7.30
CA HIS B 200 9.02 39.60 6.50
C HIS B 200 9.80 40.87 6.79
N GLU B 201 11.03 40.70 7.28
CA GLU B 201 11.89 41.84 7.62
C GLU B 201 11.16 42.78 8.59
N GLY B 202 10.51 42.20 9.59
CA GLY B 202 9.84 42.98 10.59
C GLY B 202 8.58 43.69 10.14
N HIS B 203 8.13 43.48 8.92
CA HIS B 203 6.89 44.04 8.43
C HIS B 203 5.93 42.92 8.05
N THR B 204 4.67 43.06 8.47
CA THR B 204 3.68 42.00 8.38
C THR B 204 2.66 42.32 7.30
N VAL B 205 2.34 41.33 6.48
CA VAL B 205 1.29 41.40 5.48
C VAL B 205 0.22 40.39 5.86
N GLU B 206 -1.04 40.79 5.79
CA GLU B 206 -2.17 39.98 6.21
C GLU B 206 -3.13 39.80 5.06
N LYS B 207 -3.66 38.58 4.92
CA LYS B 207 -4.78 38.29 4.04
C LYS B 207 -5.78 37.48 4.82
N SER B 208 -7.03 37.95 4.87
CA SER B 208 -8.09 37.30 5.62
C SER B 208 -9.23 36.94 4.69
N LEU B 209 -10.16 36.15 5.19
CA LEU B 209 -11.38 35.82 4.45
C LEU B 209 -12.47 35.48 5.46
N SER B 210 -13.69 35.92 5.17
CA SER B 210 -14.83 35.74 6.06
C SER B 210 -15.92 34.95 5.35
N ARG B 211 -16.43 33.91 6.01
CA ARG B 211 -17.53 33.13 5.47
C ARG B 211 -18.89 33.79 5.67
N ALA B 212 -18.93 34.91 6.40
CA ALA B 212 -20.18 35.63 6.61
C ALA B 212 -20.70 36.29 5.34
N ASP B 213 -19.91 36.30 4.27
CA ASP B 213 -20.32 36.92 3.01
C ASP B 213 -21.15 35.95 2.17
N GLU C 1 -48.71 15.24 -37.80
CA GLU C 1 -49.21 14.14 -36.92
C GLU C 1 -49.19 14.58 -35.45
N VAL C 2 -49.70 13.71 -34.58
CA VAL C 2 -49.77 14.02 -33.16
C VAL C 2 -48.36 14.15 -32.60
N LYS C 3 -48.18 15.08 -31.68
CA LYS C 3 -46.89 15.27 -31.03
C LYS C 3 -47.10 15.79 -29.61
N LEU C 4 -46.49 15.11 -28.64
CA LEU C 4 -46.48 15.56 -27.25
C LEU C 4 -45.04 15.89 -26.89
N GLU C 5 -44.77 17.17 -26.68
CA GLU C 5 -43.43 17.65 -26.36
C GLU C 5 -43.41 18.12 -24.91
N GLU C 6 -42.58 17.48 -24.09
CA GLU C 6 -42.51 17.77 -22.67
C GLU C 6 -41.35 18.73 -22.37
N SER C 7 -41.35 19.23 -21.14
CA SER C 7 -40.32 20.15 -20.66
C SER C 7 -40.62 20.45 -19.20
N GLY C 8 -39.67 21.10 -18.54
CA GLY C 8 -39.81 21.49 -17.16
C GLY C 8 -38.97 20.69 -16.18
N GLY C 9 -38.52 19.50 -16.57
CA GLY C 9 -37.74 18.67 -15.68
C GLY C 9 -36.48 19.35 -15.20
N GLY C 10 -35.86 18.76 -14.20
CA GLY C 10 -34.62 19.27 -13.65
C GLY C 10 -34.34 18.66 -12.29
N LEU C 11 -33.28 19.17 -11.67
CA LEU C 11 -32.87 18.76 -10.34
C LEU C 11 -33.42 19.75 -9.31
N VAL C 12 -33.90 19.23 -8.18
CA VAL C 12 -34.38 20.07 -7.09
C VAL C 12 -34.14 19.35 -5.77
N GLN C 13 -34.06 20.13 -4.70
CA GLN C 13 -33.81 19.55 -3.38
C GLN C 13 -35.11 18.98 -2.80
N PRO C 14 -35.01 17.96 -1.94
CA PRO C 14 -36.20 17.46 -1.28
C PRO C 14 -36.99 18.60 -0.63
N GLY C 15 -38.29 18.60 -0.86
CA GLY C 15 -39.13 19.70 -0.45
C GLY C 15 -39.26 20.81 -1.46
N GLY C 16 -38.57 20.73 -2.58
CA GLY C 16 -38.67 21.73 -3.62
C GLY C 16 -39.97 21.63 -4.40
N SER C 17 -40.00 22.35 -5.52
CA SER C 17 -41.19 22.44 -6.35
C SER C 17 -40.80 22.56 -7.81
N MET C 18 -41.61 21.96 -8.68
CA MET C 18 -41.40 22.02 -10.12
C MET C 18 -42.75 22.01 -10.83
N LYS C 19 -42.75 22.52 -12.07
CA LYS C 19 -43.94 22.50 -12.91
C LYS C 19 -43.55 21.94 -14.28
N LEU C 20 -44.08 20.77 -14.62
CA LEU C 20 -43.84 20.15 -15.91
C LEU C 20 -44.86 20.67 -16.92
N SER C 21 -44.47 20.61 -18.20
CA SER C 21 -45.31 21.08 -19.29
C SER C 21 -45.38 20.01 -20.38
N CYS C 22 -46.56 19.84 -20.95
CA CYS C 22 -46.79 18.89 -22.04
C CYS C 22 -47.61 19.61 -23.11
N VAL C 23 -46.97 19.97 -24.21
CA VAL C 23 -47.60 20.74 -25.28
C VAL C 23 -48.01 19.79 -26.40
N ALA C 24 -49.27 19.84 -26.78
CA ALA C 24 -49.83 18.91 -27.75
C ALA C 24 -49.98 19.57 -29.11
N SER C 25 -49.92 18.74 -30.15
CA SER C 25 -50.09 19.20 -31.53
C SER C 25 -50.73 18.09 -32.33
N GLY C 26 -51.53 18.47 -33.33
CA GLY C 26 -52.27 17.54 -34.14
C GLY C 26 -53.76 17.85 -34.13
N PHE C 27 -54.57 16.80 -34.32
CA PHE C 27 -56.00 16.98 -34.34
C PHE C 27 -56.51 17.33 -32.94
N SER C 28 -57.83 17.54 -32.84
CA SER C 28 -58.43 17.94 -31.58
C SER C 28 -58.39 16.79 -30.58
N PHE C 29 -57.92 17.07 -29.37
CA PHE C 29 -57.80 16.05 -28.32
C PHE C 29 -58.86 16.22 -27.24
N THR C 30 -59.98 16.85 -27.56
CA THR C 30 -61.02 17.09 -26.56
C THR C 30 -61.64 15.79 -26.07
N ASN C 31 -61.63 14.74 -26.89
CA ASN C 31 -62.15 13.44 -26.51
C ASN C 31 -61.10 12.57 -25.83
N TYR C 32 -59.94 13.11 -25.51
CA TYR C 32 -58.88 12.37 -24.86
C TYR C 32 -58.75 12.81 -23.41
N TRP C 33 -57.92 12.08 -22.67
CA TRP C 33 -57.49 12.44 -21.33
C TRP C 33 -55.97 12.51 -21.34
N MET C 34 -55.41 13.57 -20.75
CA MET C 34 -53.96 13.73 -20.67
C MET C 34 -53.52 13.18 -19.32
N ASN C 35 -52.76 12.09 -19.35
CA ASN C 35 -52.24 11.46 -18.16
C ASN C 35 -50.79 11.88 -17.90
N TRP C 36 -50.36 11.70 -16.66
CA TRP C 36 -48.95 11.79 -16.29
C TRP C 36 -48.56 10.48 -15.62
N VAL C 37 -47.59 9.78 -16.20
CA VAL C 37 -47.02 8.59 -15.59
C VAL C 37 -45.52 8.81 -15.46
N ARG C 38 -44.97 8.42 -14.32
CA ARG C 38 -43.55 8.54 -14.06
C ARG C 38 -42.93 7.15 -14.02
N GLN C 39 -41.67 7.06 -14.46
CA GLN C 39 -40.91 5.83 -14.44
C GLN C 39 -39.63 6.04 -13.65
N SER C 40 -39.43 5.23 -12.63
CA SER C 40 -38.18 5.15 -11.87
C SER C 40 -37.68 3.72 -11.93
N PRO C 41 -36.38 3.51 -11.69
CA PRO C 41 -35.85 2.13 -11.74
C PRO C 41 -36.32 1.23 -10.60
N GLU C 42 -37.18 1.73 -9.72
CA GLU C 42 -37.73 0.95 -8.62
C GLU C 42 -39.23 0.72 -8.73
N LYS C 43 -39.98 1.74 -9.14
CA LYS C 43 -41.44 1.64 -9.22
C LYS C 43 -41.92 1.18 -10.60
N GLY C 44 -41.02 0.93 -11.54
CA GLY C 44 -41.44 0.56 -12.88
C GLY C 44 -42.27 1.68 -13.49
N LEU C 45 -43.51 1.36 -13.86
CA LEU C 45 -44.49 2.36 -14.25
C LEU C 45 -45.39 2.67 -13.06
N GLU C 46 -45.69 3.95 -12.87
CA GLU C 46 -46.54 4.41 -11.78
C GLU C 46 -47.39 5.57 -12.26
N TRP C 47 -48.71 5.43 -12.10
CA TRP C 47 -49.64 6.47 -12.52
C TRP C 47 -49.64 7.61 -11.50
N VAL C 48 -49.72 8.84 -12.01
CA VAL C 48 -49.66 10.04 -11.19
C VAL C 48 -50.99 10.79 -11.19
N ALA C 49 -51.41 11.30 -12.35
CA ALA C 49 -52.62 12.11 -12.44
C ALA C 49 -53.09 12.12 -13.88
N GLU C 50 -54.31 12.65 -14.08
CA GLU C 50 -54.82 12.85 -15.43
C GLU C 50 -55.93 13.91 -15.38
N ILE C 51 -56.21 14.49 -16.55
CA ILE C 51 -57.18 15.56 -16.66
C ILE C 51 -57.99 15.35 -17.94
N SER C 52 -59.28 15.62 -17.87
CA SER C 52 -60.13 15.60 -19.05
C SER C 52 -59.89 16.86 -19.89
N LEU C 53 -59.93 16.70 -21.20
CA LEU C 53 -59.61 17.78 -22.12
C LEU C 53 -60.86 18.38 -22.75
N LYS C 54 -62.03 18.13 -22.19
CA LYS C 54 -63.24 18.78 -22.65
C LYS C 54 -63.16 20.28 -22.35
N SER C 55 -63.33 21.11 -23.37
CA SER C 55 -63.21 22.56 -23.17
C SER C 55 -64.25 23.07 -22.19
N SER C 56 -65.40 22.41 -22.10
CA SER C 56 -66.47 22.87 -21.21
C SER C 56 -66.04 22.75 -19.75
N ASN C 57 -65.68 21.54 -19.32
CA ASN C 57 -65.40 21.26 -17.92
C ASN C 57 -64.14 20.42 -17.82
N TYR C 58 -63.40 20.62 -16.73
CA TYR C 58 -62.28 19.76 -16.40
C TYR C 58 -62.73 18.67 -15.44
N VAL C 59 -62.00 17.56 -15.47
CA VAL C 59 -62.10 16.51 -14.45
C VAL C 59 -60.69 16.01 -14.19
N THR C 60 -60.33 15.87 -12.91
CA THR C 60 -58.99 15.49 -12.52
C THR C 60 -59.03 14.33 -11.53
N TYR C 61 -58.16 13.36 -11.74
CA TYR C 61 -57.91 12.29 -10.78
C TYR C 61 -56.42 12.31 -10.44
N TYR C 62 -56.11 12.03 -9.18
CA TYR C 62 -54.73 11.95 -8.72
C TYR C 62 -54.50 10.60 -8.06
N ALA C 63 -53.22 10.22 -7.98
CA ALA C 63 -52.85 9.04 -7.23
C ALA C 63 -52.79 9.36 -5.74
N GLU C 64 -52.99 8.33 -4.91
CA GLU C 64 -52.93 8.52 -3.47
C GLU C 64 -51.63 9.20 -3.05
N SER C 65 -50.52 8.83 -3.68
CA SER C 65 -49.20 9.25 -3.26
C SER C 65 -48.82 10.65 -3.74
N VAL C 66 -49.71 11.34 -4.45
CA VAL C 66 -49.42 12.73 -4.81
C VAL C 66 -50.56 13.67 -4.39
N LYS C 67 -51.67 13.10 -3.90
CA LYS C 67 -52.77 13.93 -3.43
C LYS C 67 -52.29 14.99 -2.43
N GLY C 68 -52.65 16.24 -2.68
CA GLY C 68 -52.24 17.33 -1.83
C GLY C 68 -50.86 17.88 -2.10
N ARG C 69 -50.11 17.28 -3.00
CA ARG C 69 -48.80 17.78 -3.41
C ARG C 69 -48.75 18.20 -4.86
N PHE C 70 -49.33 17.40 -5.76
CA PHE C 70 -49.34 17.70 -7.17
C PHE C 70 -50.72 18.19 -7.59
N THR C 71 -50.73 19.12 -8.55
CA THR C 71 -51.97 19.55 -9.20
C THR C 71 -51.75 19.56 -10.70
N ILE C 72 -52.64 18.89 -11.44
CA ILE C 72 -52.60 18.86 -12.90
C ILE C 72 -53.58 19.91 -13.41
N SER C 73 -53.20 20.59 -14.50
CA SER C 73 -54.01 21.65 -15.05
C SER C 73 -53.76 21.71 -16.56
N SER C 74 -54.56 22.52 -17.24
CA SER C 74 -54.47 22.63 -18.68
C SER C 74 -54.73 24.07 -19.10
N ASP C 75 -54.29 24.39 -20.32
CA ASP C 75 -54.52 25.70 -20.95
C ASP C 75 -54.83 25.40 -22.41
N LYS C 76 -56.11 25.25 -22.74
CA LYS C 76 -56.52 24.84 -24.07
C LYS C 76 -56.02 25.83 -25.13
N SER C 77 -56.05 27.12 -24.82
CA SER C 77 -55.58 28.12 -25.78
C SER C 77 -54.13 27.84 -26.20
N LYS C 78 -53.32 27.31 -25.30
CA LYS C 78 -51.95 26.96 -25.60
C LYS C 78 -51.75 25.46 -25.86
N ARG C 79 -52.85 24.69 -25.89
CA ARG C 79 -52.77 23.26 -26.15
C ARG C 79 -51.74 22.58 -25.25
N SER C 80 -51.71 22.99 -23.99
CA SER C 80 -50.73 22.53 -23.03
C SER C 80 -51.40 21.92 -21.81
N VAL C 81 -50.68 21.00 -21.16
CA VAL C 81 -51.10 20.44 -19.87
C VAL C 81 -49.89 20.50 -18.93
N TYR C 82 -50.15 20.78 -17.66
CA TYR C 82 -49.11 21.08 -16.70
C TYR C 82 -49.27 20.21 -15.47
N LEU C 83 -48.14 19.90 -14.83
CA LEU C 83 -48.12 19.13 -13.58
C LEU C 83 -47.30 19.92 -12.56
N GLN C 84 -47.97 20.76 -11.78
CA GLN C 84 -47.30 21.42 -10.67
C GLN C 84 -47.00 20.40 -9.59
N MET C 85 -45.72 20.30 -9.21
CA MET C 85 -45.27 19.37 -8.18
C MET C 85 -44.73 20.18 -7.01
N ASN C 86 -45.12 19.81 -5.80
CA ASN C 86 -44.74 20.54 -4.60
C ASN C 86 -44.30 19.56 -3.53
N ASN C 87 -43.49 20.05 -2.59
CA ASN C 87 -43.02 19.24 -1.47
C ASN C 87 -42.43 17.93 -1.98
N LEU C 88 -41.57 18.06 -2.98
CA LEU C 88 -41.03 16.88 -3.66
C LEU C 88 -40.17 16.05 -2.73
N ARG C 89 -40.22 14.73 -2.90
CA ARG C 89 -39.42 13.79 -2.14
C ARG C 89 -38.55 12.98 -3.10
N ALA C 90 -37.64 12.21 -2.52
CA ALA C 90 -36.79 11.33 -3.33
C ALA C 90 -37.64 10.35 -4.12
N GLU C 91 -38.72 9.84 -3.51
CA GLU C 91 -39.56 8.86 -4.18
C GLU C 91 -40.14 9.39 -5.48
N ASP C 92 -40.25 10.71 -5.62
CA ASP C 92 -40.80 11.31 -6.82
C ASP C 92 -39.79 11.42 -7.95
N THR C 93 -38.63 10.77 -7.83
CA THR C 93 -37.61 10.85 -8.86
C THR C 93 -37.90 9.84 -9.98
N GLY C 94 -37.80 10.29 -11.22
CA GLY C 94 -38.04 9.43 -12.36
C GLY C 94 -38.21 10.27 -13.61
N ILE C 95 -38.58 9.59 -14.69
CA ILE C 95 -38.90 10.23 -15.95
C ILE C 95 -40.42 10.37 -16.03
N TYR C 96 -40.89 11.61 -16.15
CA TYR C 96 -42.32 11.87 -16.22
C TYR C 96 -42.75 11.95 -17.68
N PHE C 97 -43.75 11.15 -18.03
CA PHE C 97 -44.31 11.10 -19.37
C PHE C 97 -45.74 11.58 -19.35
N CYS C 98 -46.14 12.32 -20.37
CA CYS C 98 -47.54 12.64 -20.59
C CYS C 98 -48.07 11.78 -21.73
N SER C 99 -49.32 11.33 -21.60
CA SER C 99 -49.91 10.42 -22.57
C SER C 99 -51.37 10.80 -22.81
N LEU C 100 -51.75 10.81 -24.08
CA LEU C 100 -53.14 11.05 -24.47
C LEU C 100 -53.90 9.72 -24.44
N TRP C 101 -54.92 9.64 -23.60
CA TRP C 101 -55.66 8.41 -23.39
C TRP C 101 -57.07 8.50 -23.95
N GLN C 102 -57.52 7.43 -24.61
CA GLN C 102 -58.90 7.32 -25.05
C GLN C 102 -59.17 5.82 -25.22
N THR C 103 -59.61 5.18 -24.14
CA THR C 103 -59.72 3.72 -24.06
C THR C 103 -58.35 3.09 -23.82
N TRP C 104 -57.36 3.52 -24.60
CA TRP C 104 -55.99 3.06 -24.46
C TRP C 104 -55.05 4.26 -24.50
N PHE C 105 -53.81 4.04 -24.08
CA PHE C 105 -52.78 5.07 -24.14
C PHE C 105 -52.28 5.13 -25.59
N ALA C 106 -52.70 6.16 -26.30
CA ALA C 106 -52.49 6.24 -27.74
C ALA C 106 -51.28 7.06 -28.15
N TYR C 107 -50.84 8.01 -27.34
CA TYR C 107 -49.73 8.88 -27.70
C TYR C 107 -48.90 9.20 -26.46
N TRP C 108 -47.58 9.24 -26.63
CA TRP C 108 -46.66 9.45 -25.53
C TRP C 108 -45.67 10.55 -25.87
N GLY C 109 -45.35 11.37 -24.87
CA GLY C 109 -44.28 12.33 -25.02
C GLY C 109 -42.91 11.71 -24.81
N GLN C 110 -41.87 12.47 -25.14
CA GLN C 110 -40.52 11.95 -25.01
C GLN C 110 -40.11 11.76 -23.56
N GLY C 111 -40.74 12.45 -22.63
CA GLY C 111 -40.41 12.36 -21.21
C GLY C 111 -39.41 13.42 -20.80
N THR C 112 -39.56 13.87 -19.55
CA THR C 112 -38.63 14.82 -18.94
C THR C 112 -38.25 14.35 -17.55
N LEU C 113 -36.96 14.41 -17.25
CA LEU C 113 -36.40 13.80 -16.05
C LEU C 113 -36.47 14.73 -14.86
N VAL C 114 -37.00 14.23 -13.74
CA VAL C 114 -37.09 14.97 -12.49
C VAL C 114 -36.29 14.21 -11.45
N THR C 115 -35.24 14.84 -10.95
CA THR C 115 -34.39 14.27 -9.91
C THR C 115 -34.62 15.07 -8.63
N VAL C 116 -35.08 14.41 -7.59
CA VAL C 116 -35.27 15.01 -6.27
C VAL C 116 -34.15 14.47 -5.39
N SER C 117 -33.08 15.26 -5.24
CA SER C 117 -31.90 14.83 -4.50
C SER C 117 -31.23 16.03 -3.87
N SER C 118 -30.64 15.81 -2.71
CA SER C 118 -29.85 16.82 -2.01
C SER C 118 -28.37 16.76 -2.39
N ALA C 119 -27.97 15.77 -3.16
CA ALA C 119 -26.55 15.61 -3.51
C ALA C 119 -26.02 16.85 -4.23
N LYS C 120 -24.73 17.12 -3.99
CA LYS C 120 -24.04 18.25 -4.60
C LYS C 120 -23.05 17.74 -5.63
N THR C 121 -22.58 18.66 -6.47
CA THR C 121 -21.62 18.31 -7.51
C THR C 121 -20.42 17.60 -6.91
N THR C 122 -20.10 16.42 -7.45
CA THR C 122 -19.00 15.60 -6.96
C THR C 122 -18.19 15.13 -8.15
N PRO C 123 -16.89 15.41 -8.22
CA PRO C 123 -16.09 14.95 -9.34
C PRO C 123 -15.81 13.45 -9.24
N PRO C 124 -15.45 12.81 -10.34
CA PRO C 124 -15.25 11.36 -10.30
C PRO C 124 -13.86 10.97 -9.81
N SER C 125 -13.80 9.78 -9.22
CA SER C 125 -12.54 9.13 -8.90
C SER C 125 -12.30 8.04 -9.95
N VAL C 126 -11.24 8.21 -10.74
CA VAL C 126 -10.98 7.35 -11.88
C VAL C 126 -9.86 6.39 -11.51
N TYR C 127 -10.13 5.09 -11.63
CA TYR C 127 -9.18 4.05 -11.26
C TYR C 127 -8.99 3.09 -12.42
N PRO C 128 -7.75 2.68 -12.70
CA PRO C 128 -7.51 1.80 -13.85
C PRO C 128 -7.90 0.37 -13.55
N LEU C 129 -8.26 -0.34 -14.63
CA LEU C 129 -8.64 -1.75 -14.57
C LEU C 129 -7.70 -2.51 -15.50
N ALA C 130 -6.83 -3.33 -14.91
CA ALA C 130 -5.85 -4.08 -15.68
C ALA C 130 -6.01 -5.58 -15.44
N ASN C 138 -3.23 -15.63 -23.72
CA ASN C 138 -4.01 -14.47 -24.11
C ASN C 138 -3.83 -14.13 -25.60
N SER C 139 -4.93 -14.08 -26.34
CA SER C 139 -4.91 -13.65 -27.73
C SER C 139 -5.20 -12.15 -27.84
N MET C 140 -6.24 -11.69 -27.15
CA MET C 140 -6.52 -10.27 -26.95
C MET C 140 -6.54 -9.98 -25.46
N VAL C 141 -6.68 -8.70 -25.11
CA VAL C 141 -6.73 -8.26 -23.73
C VAL C 141 -7.72 -7.11 -23.62
N THR C 142 -8.46 -7.08 -22.51
CA THR C 142 -9.47 -6.06 -22.27
C THR C 142 -9.06 -5.21 -21.08
N LEU C 143 -8.94 -3.91 -21.29
CA LEU C 143 -8.63 -2.95 -20.24
C LEU C 143 -9.86 -2.12 -19.93
N GLY C 144 -9.95 -1.65 -18.69
CA GLY C 144 -11.11 -0.91 -18.23
C GLY C 144 -10.71 0.40 -17.58
N CYS C 145 -11.73 1.11 -17.08
CA CYS C 145 -11.54 2.45 -16.54
C CYS C 145 -12.77 2.77 -15.68
N LEU C 146 -12.67 2.47 -14.39
CA LEU C 146 -13.79 2.66 -13.47
C LEU C 146 -13.88 4.13 -13.07
N VAL C 147 -15.08 4.69 -13.17
CA VAL C 147 -15.36 6.08 -12.85
C VAL C 147 -16.35 6.06 -11.69
N LYS C 148 -15.87 6.32 -10.48
CA LYS C 148 -16.62 6.07 -9.26
C LYS C 148 -16.96 7.36 -8.53
N GLY C 149 -18.20 7.43 -8.05
CA GLY C 149 -18.63 8.48 -7.15
C GLY C 149 -18.65 9.87 -7.74
N TYR C 150 -19.53 10.08 -8.72
CA TYR C 150 -19.66 11.36 -9.39
C TYR C 150 -21.11 11.80 -9.36
N PHE C 151 -21.31 13.11 -9.51
CA PHE C 151 -22.65 13.70 -9.54
C PHE C 151 -22.56 15.13 -10.04
N PRO C 152 -23.45 15.55 -10.94
CA PRO C 152 -24.44 14.75 -11.69
C PRO C 152 -23.88 14.28 -13.02
N GLU C 153 -24.63 13.49 -13.77
CA GLU C 153 -24.24 13.08 -15.10
C GLU C 153 -24.30 14.29 -16.03
N PRO C 154 -23.70 14.21 -17.22
CA PRO C 154 -22.96 13.08 -17.80
C PRO C 154 -21.46 13.02 -17.50
N VAL C 155 -20.87 11.85 -17.74
CA VAL C 155 -19.43 11.68 -17.84
C VAL C 155 -19.14 11.16 -19.24
N THR C 156 -18.13 11.73 -19.90
CA THR C 156 -17.74 11.33 -21.24
C THR C 156 -16.39 10.63 -21.16
N VAL C 157 -16.37 9.36 -21.55
CA VAL C 157 -15.16 8.55 -21.53
C VAL C 157 -14.63 8.40 -22.95
N THR C 158 -13.32 8.52 -23.11
CA THR C 158 -12.67 8.30 -24.39
C THR C 158 -11.39 7.54 -24.17
N TRP C 159 -10.96 6.81 -25.20
CA TRP C 159 -9.74 6.00 -25.14
C TRP C 159 -8.73 6.54 -26.13
N ASN C 160 -7.56 6.93 -25.62
CA ASN C 160 -6.50 7.50 -26.44
C ASN C 160 -7.01 8.69 -27.25
N SER C 161 -7.88 9.49 -26.63
CA SER C 161 -8.37 10.73 -27.21
C SER C 161 -9.20 10.48 -28.47
N GLY C 162 -9.82 9.30 -28.55
CA GLY C 162 -10.67 8.94 -29.66
C GLY C 162 -10.04 8.02 -30.67
N SER C 163 -8.71 7.95 -30.70
CA SER C 163 -8.03 7.02 -31.61
C SER C 163 -8.65 5.63 -31.51
N LEU C 164 -9.00 5.21 -30.30
CA LEU C 164 -9.60 3.90 -30.08
C LEU C 164 -11.12 4.01 -30.13
N SER C 165 -11.74 3.03 -30.80
CA SER C 165 -13.19 2.96 -30.90
C SER C 165 -13.75 1.55 -30.89
N SER C 166 -12.95 0.52 -31.19
CA SER C 166 -13.43 -0.84 -31.34
C SER C 166 -13.14 -1.64 -30.07
N GLY C 167 -14.06 -2.55 -29.74
CA GLY C 167 -13.91 -3.38 -28.57
C GLY C 167 -14.35 -2.71 -27.29
N VAL C 168 -15.31 -1.79 -27.35
CA VAL C 168 -15.73 -0.99 -26.21
C VAL C 168 -16.99 -1.58 -25.62
N HIS C 169 -17.01 -1.76 -24.30
CA HIS C 169 -18.18 -2.20 -23.54
C HIS C 169 -18.38 -1.19 -22.40
N THR C 170 -19.12 -0.12 -22.68
CA THR C 170 -19.42 0.90 -21.69
C THR C 170 -20.69 0.51 -20.95
N PHE C 171 -20.58 0.31 -19.64
CA PHE C 171 -21.64 -0.29 -18.84
C PHE C 171 -22.61 0.77 -18.34
N PRO C 172 -23.75 0.36 -17.81
CA PRO C 172 -24.73 1.34 -17.30
C PRO C 172 -24.24 2.00 -16.03
N ALA C 173 -24.85 3.15 -15.73
CA ALA C 173 -24.51 3.93 -14.56
C ALA C 173 -25.33 3.45 -13.37
N VAL C 174 -24.66 2.97 -12.33
CA VAL C 174 -25.29 2.59 -11.07
C VAL C 174 -25.36 3.82 -10.19
N LEU C 175 -26.35 3.84 -9.29
CA LEU C 175 -26.48 4.90 -8.29
C LEU C 175 -26.27 4.31 -6.91
N GLN C 176 -25.32 4.89 -6.16
CA GLN C 176 -24.99 4.43 -4.82
C GLN C 176 -24.73 5.63 -3.93
N SER C 177 -25.45 5.70 -2.81
CA SER C 177 -25.24 6.76 -1.82
C SER C 177 -25.41 8.14 -2.44
N ASP C 178 -26.36 8.26 -3.36
CA ASP C 178 -26.64 9.48 -4.11
C ASP C 178 -25.55 9.83 -5.10
N LEU C 179 -24.59 8.93 -5.33
CA LEU C 179 -23.52 9.15 -6.29
C LEU C 179 -23.52 8.03 -7.33
N TYR C 180 -23.15 8.39 -8.54
CA TYR C 180 -23.17 7.47 -9.67
C TYR C 180 -21.86 6.68 -9.76
N THR C 181 -21.86 5.68 -10.64
CA THR C 181 -20.69 4.85 -10.90
C THR C 181 -20.88 4.19 -12.26
N LEU C 182 -19.79 4.11 -13.04
CA LEU C 182 -19.83 3.39 -14.30
C LEU C 182 -18.42 2.90 -14.63
N SER C 183 -18.35 1.98 -15.58
CA SER C 183 -17.09 1.47 -16.10
C SER C 183 -17.09 1.58 -17.61
N SER C 184 -15.89 1.63 -18.18
CA SER C 184 -15.71 1.65 -19.63
C SER C 184 -14.57 0.70 -19.97
N SER C 185 -14.81 -0.19 -20.93
CA SER C 185 -13.84 -1.20 -21.31
C SER C 185 -13.37 -0.97 -22.75
N VAL C 186 -12.18 -1.47 -23.05
CA VAL C 186 -11.66 -1.51 -24.41
C VAL C 186 -10.87 -2.79 -24.58
N THR C 187 -10.91 -3.35 -25.78
CA THR C 187 -10.22 -4.59 -26.10
C THR C 187 -9.26 -4.35 -27.26
N VAL C 188 -8.05 -4.89 -27.13
CA VAL C 188 -6.98 -4.71 -28.10
C VAL C 188 -6.21 -6.03 -28.20
N PRO C 189 -5.33 -6.19 -29.19
CA PRO C 189 -4.52 -7.41 -29.24
C PRO C 189 -3.43 -7.42 -28.19
N SER C 190 -3.10 -8.62 -27.72
CA SER C 190 -2.05 -8.77 -26.70
C SER C 190 -0.70 -8.28 -27.17
N SER C 191 -0.52 -8.05 -28.47
CA SER C 191 0.74 -7.52 -28.98
C SER C 191 0.84 -6.02 -28.78
N THR C 192 -0.29 -5.31 -28.87
CA THR C 192 -0.26 -3.85 -28.79
C THR C 192 -0.11 -3.37 -27.34
N TRP C 193 -1.10 -3.65 -26.50
CA TRP C 193 -1.27 -2.89 -25.27
C TRP C 193 -0.02 -2.80 -24.39
N PRO C 194 0.57 -3.92 -23.96
CA PRO C 194 1.71 -3.81 -23.04
C PRO C 194 2.81 -2.90 -23.58
N SER C 195 2.96 -2.78 -24.90
CA SER C 195 3.75 -1.72 -25.52
C SER C 195 2.82 -0.59 -25.95
N GLU C 196 3.40 0.46 -26.52
CA GLU C 196 2.58 1.61 -26.90
C GLU C 196 1.89 2.08 -25.62
N THR C 197 0.63 2.51 -25.67
CA THR C 197 -0.09 2.90 -24.46
C THR C 197 -1.59 2.78 -24.72
N VAL C 198 -2.34 2.62 -23.63
CA VAL C 198 -3.80 2.65 -23.67
C VAL C 198 -4.25 3.51 -22.50
N THR C 199 -4.90 4.64 -22.80
CA THR C 199 -5.27 5.63 -21.79
C THR C 199 -6.73 6.00 -21.96
N CYS C 200 -7.49 5.92 -20.87
CA CYS C 200 -8.86 6.41 -20.86
C CYS C 200 -8.89 7.87 -20.44
N ASN C 201 -9.66 8.67 -21.16
CA ASN C 201 -9.88 10.07 -20.83
C ASN C 201 -11.31 10.19 -20.31
N VAL C 202 -11.46 10.70 -19.09
CA VAL C 202 -12.75 10.77 -18.41
C VAL C 202 -13.01 12.22 -18.06
N ALA C 203 -14.10 12.76 -18.57
CA ALA C 203 -14.49 14.14 -18.32
C ALA C 203 -15.81 14.16 -17.55
N HIS C 204 -15.93 15.13 -16.65
CA HIS C 204 -17.13 15.31 -15.82
C HIS C 204 -17.37 16.81 -15.78
N PRO C 205 -17.99 17.37 -16.82
CA PRO C 205 -18.00 18.83 -16.98
C PRO C 205 -18.67 19.56 -15.82
N ALA C 206 -19.57 18.90 -15.09
CA ALA C 206 -20.20 19.56 -13.95
C ALA C 206 -19.15 20.07 -12.97
N SER C 207 -18.27 19.18 -12.52
CA SER C 207 -17.21 19.56 -11.59
C SER C 207 -16.00 20.17 -12.28
N SER C 208 -16.02 20.29 -13.60
CA SER C 208 -14.89 20.85 -14.35
C SER C 208 -13.63 20.03 -14.10
N THR C 209 -13.75 18.73 -14.38
CA THR C 209 -12.69 17.77 -14.07
C THR C 209 -12.44 16.87 -15.28
N LYS C 210 -11.17 16.76 -15.68
CA LYS C 210 -10.74 15.78 -16.65
C LYS C 210 -9.68 14.88 -16.02
N VAL C 211 -9.63 13.63 -16.47
CA VAL C 211 -8.73 12.64 -15.88
C VAL C 211 -8.27 11.68 -16.96
N ASP C 212 -6.96 11.64 -17.21
CA ASP C 212 -6.35 10.70 -18.14
C ASP C 212 -5.64 9.63 -17.33
N LYS C 213 -6.09 8.37 -17.48
CA LYS C 213 -5.55 7.24 -16.74
C LYS C 213 -4.94 6.26 -17.74
N LYS C 214 -3.62 6.24 -17.80
CA LYS C 214 -2.93 5.28 -18.66
C LYS C 214 -2.89 3.92 -17.96
N ILE C 215 -3.30 2.89 -18.68
CA ILE C 215 -3.47 1.56 -18.11
C ILE C 215 -2.13 0.82 -18.23
N VAL C 216 -1.62 0.34 -17.11
CA VAL C 216 -0.29 -0.27 -17.05
C VAL C 216 -0.41 -1.66 -16.44
N PRO C 217 0.33 -2.66 -16.94
CA PRO C 217 0.24 -4.00 -16.35
C PRO C 217 0.65 -3.99 -14.89
N ARG C 218 -0.27 -4.39 -14.02
CA ARG C 218 0.01 -4.45 -12.59
C ARG C 218 -0.88 -5.50 -11.92
N GLN D 1 -54.27 2.67 -3.83
CA GLN D 1 -54.67 1.76 -2.71
C GLN D 1 -54.41 0.30 -3.08
N ALA D 2 -55.02 -0.15 -4.18
CA ALA D 2 -54.92 -1.54 -4.57
C ALA D 2 -53.55 -1.87 -5.14
N VAL D 3 -53.25 -3.17 -5.17
CA VAL D 3 -51.99 -3.67 -5.74
C VAL D 3 -52.32 -4.60 -6.90
N VAL D 4 -51.71 -4.34 -8.05
CA VAL D 4 -51.92 -5.10 -9.27
C VAL D 4 -50.67 -5.91 -9.53
N THR D 5 -50.83 -7.23 -9.66
CA THR D 5 -49.70 -8.16 -9.72
C THR D 5 -49.62 -8.82 -11.08
N GLN D 6 -48.44 -8.77 -11.68
CA GLN D 6 -48.15 -9.46 -12.93
C GLN D 6 -47.03 -10.47 -12.72
N GLU D 7 -46.96 -11.46 -13.60
CA GLU D 7 -45.76 -12.29 -13.66
C GLU D 7 -44.56 -11.39 -13.88
N SER D 8 -43.49 -11.64 -13.13
CA SER D 8 -42.32 -10.78 -13.21
C SER D 8 -41.58 -10.98 -14.53
N ALA D 9 -41.50 -12.23 -15.00
CA ALA D 9 -40.85 -12.50 -16.27
C ALA D 9 -41.39 -13.80 -16.87
N LEU D 10 -41.49 -13.83 -18.19
CA LEU D 10 -41.89 -15.01 -18.94
C LEU D 10 -41.02 -15.12 -20.17
N THR D 11 -40.73 -16.34 -20.59
CA THR D 11 -39.92 -16.61 -21.76
C THR D 11 -40.71 -17.48 -22.73
N THR D 12 -40.72 -17.08 -24.00
CA THR D 12 -41.35 -17.87 -25.05
C THR D 12 -40.42 -17.89 -26.27
N SER D 13 -40.83 -18.61 -27.29
CA SER D 13 -40.11 -18.71 -28.55
C SER D 13 -41.01 -18.30 -29.70
N PRO D 14 -40.44 -17.92 -30.84
CA PRO D 14 -41.28 -17.48 -31.96
C PRO D 14 -42.28 -18.56 -32.35
N GLY D 15 -43.47 -18.12 -32.75
CA GLY D 15 -44.51 -19.02 -33.18
C GLY D 15 -45.26 -19.71 -32.07
N GLU D 16 -45.15 -19.24 -30.85
CA GLU D 16 -45.83 -19.84 -29.71
C GLU D 16 -46.87 -18.89 -29.14
N THR D 17 -47.72 -19.45 -28.29
CA THR D 17 -48.74 -18.69 -27.60
C THR D 17 -48.30 -18.47 -26.16
N VAL D 18 -48.18 -17.22 -25.76
CA VAL D 18 -47.84 -16.86 -24.39
C VAL D 18 -48.98 -16.02 -23.83
N THR D 19 -49.33 -16.27 -22.57
CA THR D 19 -50.40 -15.56 -21.89
C THR D 19 -49.81 -14.86 -20.67
N LEU D 20 -49.88 -13.53 -20.67
CA LEU D 20 -49.56 -12.73 -19.50
C LEU D 20 -50.85 -12.48 -18.72
N THR D 21 -50.75 -12.52 -17.39
CA THR D 21 -51.93 -12.31 -16.56
C THR D 21 -51.70 -11.13 -15.62
N CYS D 22 -52.80 -10.70 -14.99
CA CYS D 22 -52.81 -9.48 -14.19
C CYS D 22 -53.83 -9.64 -13.09
N ARG D 23 -53.37 -9.74 -11.85
CA ARG D 23 -54.21 -9.95 -10.68
C ARG D 23 -54.40 -8.63 -9.95
N SER D 24 -55.58 -8.48 -9.33
CA SER D 24 -55.88 -7.33 -8.48
C SER D 24 -56.04 -7.79 -7.04
N SER D 25 -55.55 -6.96 -6.11
CA SER D 25 -55.66 -7.29 -4.69
C SER D 25 -57.08 -7.07 -4.16
N THR D 26 -57.81 -6.10 -4.72
CA THR D 26 -59.17 -5.84 -4.24
C THR D 26 -60.06 -7.05 -4.43
N GLY D 27 -59.84 -7.82 -5.49
CA GLY D 27 -60.71 -8.93 -5.82
C GLY D 27 -60.58 -9.28 -7.30
N ALA D 28 -61.55 -10.04 -7.77
CA ALA D 28 -61.51 -10.49 -9.16
C ALA D 28 -61.50 -9.30 -10.11
N VAL D 29 -60.67 -9.38 -11.14
CA VAL D 29 -60.62 -8.34 -12.16
C VAL D 29 -61.83 -8.49 -13.07
N THR D 30 -62.61 -7.42 -13.19
CA THR D 30 -63.83 -7.41 -13.99
C THR D 30 -63.71 -6.34 -15.07
N THR D 31 -64.72 -6.30 -15.94
CA THR D 31 -64.72 -5.31 -17.02
C THR D 31 -64.84 -3.89 -16.47
N SER D 32 -65.27 -3.73 -15.23
CA SER D 32 -65.33 -2.42 -14.60
C SER D 32 -63.96 -1.91 -14.19
N ASN D 33 -62.92 -2.74 -14.28
CA ASN D 33 -61.57 -2.28 -14.06
C ASN D 33 -60.94 -1.68 -15.31
N TYR D 34 -61.52 -1.95 -16.47
CA TYR D 34 -61.08 -1.37 -17.75
C TYR D 34 -59.58 -1.59 -17.95
N ALA D 35 -59.21 -2.86 -17.97
CA ALA D 35 -57.79 -3.23 -18.04
C ALA D 35 -57.12 -2.59 -19.25
N ASN D 36 -55.96 -1.98 -19.01
CA ASN D 36 -55.10 -1.46 -20.05
C ASN D 36 -53.80 -2.26 -20.09
N TRP D 37 -53.30 -2.51 -21.30
CA TRP D 37 -52.03 -3.21 -21.50
C TRP D 37 -51.10 -2.31 -22.30
N VAL D 38 -49.97 -1.96 -21.71
CA VAL D 38 -48.97 -1.11 -22.35
C VAL D 38 -47.70 -1.93 -22.57
N GLN D 39 -47.05 -1.69 -23.70
CA GLN D 39 -45.77 -2.31 -24.02
C GLN D 39 -44.68 -1.26 -23.88
N GLU D 40 -43.61 -1.60 -23.16
CA GLU D 40 -42.44 -0.75 -23.07
C GLU D 40 -41.29 -1.44 -23.79
N LYS D 41 -40.73 -0.77 -24.78
CA LYS D 41 -39.49 -1.18 -25.42
C LYS D 41 -38.36 -0.24 -25.00
N PRO D 42 -37.10 -0.64 -25.19
CA PRO D 42 -36.00 0.17 -24.66
C PRO D 42 -36.01 1.58 -25.23
N ASP D 43 -35.36 2.48 -24.48
CA ASP D 43 -35.42 3.93 -24.72
C ASP D 43 -36.83 4.46 -24.46
N HIS D 44 -37.51 3.88 -23.48
CA HIS D 44 -38.85 4.27 -23.08
C HIS D 44 -39.76 4.50 -24.28
N LEU D 45 -39.85 3.45 -25.11
CA LEU D 45 -40.78 3.42 -26.24
C LEU D 45 -42.06 2.75 -25.76
N PHE D 46 -43.15 3.51 -25.67
CA PHE D 46 -44.41 3.04 -25.13
C PHE D 46 -45.44 2.87 -26.23
N THR D 47 -46.16 1.75 -26.18
CA THR D 47 -47.23 1.44 -27.12
C THR D 47 -48.43 0.92 -26.34
N GLY D 48 -49.53 1.65 -26.40
CA GLY D 48 -50.77 1.19 -25.81
C GLY D 48 -51.39 0.08 -26.64
N LEU D 49 -51.41 -1.13 -26.09
CA LEU D 49 -51.91 -2.28 -26.82
C LEU D 49 -53.43 -2.41 -26.70
N ILE D 50 -53.92 -2.55 -25.46
CA ILE D 50 -55.32 -2.88 -25.20
C ILE D 50 -55.94 -1.79 -24.35
N GLY D 51 -57.22 -1.50 -24.61
CA GLY D 51 -58.03 -0.67 -23.74
C GLY D 51 -59.33 -1.38 -23.43
N GLY D 52 -60.12 -0.74 -22.57
CA GLY D 52 -61.30 -1.41 -22.05
C GLY D 52 -60.86 -2.70 -21.39
N THR D 53 -61.22 -3.84 -21.96
CA THR D 53 -60.63 -5.12 -21.57
C THR D 53 -60.14 -5.93 -22.75
N ASN D 54 -60.67 -5.70 -23.95
CA ASN D 54 -60.27 -6.43 -25.14
C ASN D 54 -60.17 -5.51 -26.36
N ASN D 55 -60.16 -4.20 -26.17
CA ASN D 55 -60.13 -3.26 -27.29
C ASN D 55 -58.69 -3.07 -27.73
N ARG D 56 -58.31 -3.73 -28.82
CA ARG D 56 -56.98 -3.57 -29.38
C ARG D 56 -56.89 -2.26 -30.16
N ALA D 57 -55.88 -1.45 -29.85
CA ALA D 57 -55.69 -0.20 -30.55
C ALA D 57 -55.27 -0.46 -32.00
N PRO D 58 -55.67 0.41 -32.93
CA PRO D 58 -55.24 0.22 -34.33
C PRO D 58 -53.72 0.23 -34.44
N GLY D 59 -53.24 -0.51 -35.43
CA GLY D 59 -51.80 -0.68 -35.60
C GLY D 59 -51.24 -1.83 -34.78
N VAL D 60 -51.82 -2.07 -33.60
CA VAL D 60 -51.36 -3.19 -32.78
C VAL D 60 -51.59 -4.48 -33.57
N PRO D 61 -50.57 -5.33 -33.76
CA PRO D 61 -50.79 -6.57 -34.50
C PRO D 61 -51.94 -7.38 -33.92
N ALA D 62 -52.55 -8.20 -34.77
CA ALA D 62 -53.72 -8.97 -34.35
C ALA D 62 -53.37 -10.12 -33.42
N ARG D 63 -52.10 -10.49 -33.31
CA ARG D 63 -51.72 -11.56 -32.39
C ARG D 63 -51.88 -11.14 -30.93
N PHE D 64 -52.03 -9.84 -30.65
CA PHE D 64 -52.27 -9.36 -29.30
C PHE D 64 -53.77 -9.30 -29.03
N SER D 65 -54.23 -9.99 -27.98
CA SER D 65 -55.61 -9.89 -27.56
C SER D 65 -55.68 -9.75 -26.05
N GLY D 66 -56.66 -8.97 -25.57
CA GLY D 66 -56.92 -8.82 -24.15
C GLY D 66 -58.22 -9.51 -23.78
N SER D 67 -58.28 -10.02 -22.55
CA SER D 67 -59.45 -10.76 -22.11
C SER D 67 -59.43 -10.87 -20.59
N LEU D 68 -60.40 -11.62 -20.06
CA LEU D 68 -60.44 -11.99 -18.64
C LEU D 68 -60.40 -13.50 -18.53
N ILE D 69 -59.46 -14.02 -17.75
CA ILE D 69 -59.39 -15.43 -17.43
C ILE D 69 -59.58 -15.56 -15.91
N GLY D 70 -60.68 -16.17 -15.50
CA GLY D 70 -60.93 -16.32 -14.08
C GLY D 70 -61.03 -14.96 -13.40
N ASP D 71 -60.35 -14.83 -12.28
CA ASP D 71 -60.31 -13.58 -11.53
C ASP D 71 -59.25 -12.60 -12.05
N LYS D 72 -58.59 -12.93 -13.15
CA LYS D 72 -57.47 -12.16 -13.66
C LYS D 72 -57.80 -11.54 -15.01
N ALA D 73 -57.18 -10.40 -15.28
CA ALA D 73 -57.06 -9.92 -16.65
C ALA D 73 -55.88 -10.61 -17.33
N ALA D 74 -55.89 -10.63 -18.66
CA ALA D 74 -54.88 -11.39 -19.39
C ALA D 74 -54.55 -10.70 -20.71
N LEU D 75 -53.31 -10.89 -21.15
CA LEU D 75 -52.86 -10.50 -22.48
C LEU D 75 -52.29 -11.75 -23.15
N THR D 76 -52.87 -12.13 -24.27
CA THR D 76 -52.43 -13.31 -25.01
C THR D 76 -51.75 -12.88 -26.30
N ILE D 77 -50.60 -13.49 -26.57
CA ILE D 77 -49.85 -13.26 -27.81
C ILE D 77 -49.85 -14.59 -28.56
N THR D 78 -50.73 -14.71 -29.55
CA THR D 78 -50.88 -15.93 -30.31
C THR D 78 -49.90 -15.89 -31.48
N GLY D 79 -48.85 -16.68 -31.40
CA GLY D 79 -47.80 -16.63 -32.39
C GLY D 79 -46.83 -15.51 -32.11
N ALA D 80 -45.98 -15.70 -31.11
CA ALA D 80 -45.03 -14.68 -30.71
C ALA D 80 -44.01 -14.43 -31.81
N GLN D 81 -43.48 -13.21 -31.83
CA GLN D 81 -42.41 -12.81 -32.74
C GLN D 81 -41.26 -12.24 -31.94
N THR D 82 -40.06 -12.32 -32.51
CA THR D 82 -38.88 -11.85 -31.77
C THR D 82 -38.98 -10.36 -31.46
N ASP D 83 -39.74 -9.60 -32.24
CA ASP D 83 -39.91 -8.18 -31.97
C ASP D 83 -40.90 -7.91 -30.84
N ASP D 84 -41.49 -8.96 -30.25
CA ASP D 84 -42.38 -8.79 -29.11
C ASP D 84 -41.66 -8.82 -27.78
N GLU D 85 -40.39 -9.24 -27.75
CA GLU D 85 -39.59 -9.22 -26.54
C GLU D 85 -39.56 -7.81 -25.95
N ALA D 86 -40.27 -7.61 -24.84
CA ALA D 86 -40.43 -6.29 -24.22
C ALA D 86 -40.99 -6.51 -22.82
N ILE D 87 -41.28 -5.39 -22.15
CA ILE D 87 -41.98 -5.41 -20.86
C ILE D 87 -43.42 -5.00 -21.11
N TYR D 88 -44.36 -5.78 -20.57
CA TYR D 88 -45.78 -5.55 -20.77
C TYR D 88 -46.42 -5.16 -19.44
N PHE D 89 -46.94 -3.95 -19.36
CA PHE D 89 -47.52 -3.40 -18.15
C PHE D 89 -49.04 -3.50 -18.20
N CYS D 90 -49.62 -4.06 -17.14
CA CYS D 90 -51.05 -4.04 -16.92
C CYS D 90 -51.42 -2.78 -16.16
N ALA D 91 -52.67 -2.34 -16.31
CA ALA D 91 -53.16 -1.19 -15.58
C ALA D 91 -54.67 -1.31 -15.42
N LEU D 92 -55.13 -1.22 -14.19
CA LEU D 92 -56.54 -1.38 -13.86
C LEU D 92 -57.11 -0.06 -13.35
N TRP D 93 -58.34 0.23 -13.73
CA TRP D 93 -59.05 1.42 -13.25
C TRP D 93 -59.79 1.07 -11.97
N TYR D 94 -59.78 2.02 -11.02
CA TYR D 94 -60.44 1.84 -9.71
C TYR D 94 -61.29 3.08 -9.42
N SER D 95 -62.33 3.29 -10.23
CA SER D 95 -63.30 4.35 -10.02
C SER D 95 -62.71 5.74 -10.20
N ASN D 96 -61.70 6.08 -9.38
CA ASN D 96 -61.17 7.44 -9.37
C ASN D 96 -59.66 7.48 -9.55
N HIS D 97 -59.04 6.38 -9.94
CA HIS D 97 -57.59 6.33 -10.12
C HIS D 97 -57.23 5.07 -10.89
N LEU D 98 -56.06 5.09 -11.51
CA LEU D 98 -55.50 3.96 -12.24
C LEU D 98 -54.26 3.47 -11.51
N VAL D 99 -54.01 2.16 -11.59
CA VAL D 99 -52.89 1.53 -10.89
C VAL D 99 -52.19 0.58 -11.85
N PHE D 100 -50.91 0.83 -12.10
CA PHE D 100 -50.09 -0.05 -12.92
C PHE D 100 -49.60 -1.26 -12.12
N GLY D 101 -49.33 -2.35 -12.83
CA GLY D 101 -48.65 -3.48 -12.25
C GLY D 101 -47.14 -3.34 -12.35
N GLY D 102 -46.45 -4.36 -11.87
CA GLY D 102 -45.01 -4.38 -11.94
C GLY D 102 -44.43 -4.74 -13.28
N GLY D 103 -45.27 -5.05 -14.26
CA GLY D 103 -44.81 -5.43 -15.56
C GLY D 103 -44.38 -6.89 -15.63
N THR D 104 -44.35 -7.40 -16.85
CA THR D 104 -43.83 -8.74 -17.15
C THR D 104 -42.76 -8.58 -18.22
N LYS D 105 -41.54 -8.98 -17.89
CA LYS D 105 -40.44 -8.98 -18.86
C LYS D 105 -40.59 -10.21 -19.74
N LEU D 106 -41.05 -10.01 -20.97
CA LEU D 106 -41.19 -11.10 -21.91
C LEU D 106 -39.90 -11.31 -22.67
N THR D 107 -39.40 -12.53 -22.63
CA THR D 107 -38.21 -12.94 -23.37
C THR D 107 -38.65 -13.84 -24.50
N VAL D 108 -38.61 -13.30 -25.72
CA VAL D 108 -38.81 -14.09 -26.93
C VAL D 108 -37.41 -14.49 -27.41
N LEU D 109 -37.07 -15.77 -27.27
CA LEU D 109 -35.76 -16.26 -27.65
C LEU D 109 -35.51 -16.04 -29.14
N GLY D 110 -34.58 -15.14 -29.46
CA GLY D 110 -34.30 -14.79 -30.84
C GLY D 110 -32.90 -15.15 -31.30
N GLN D 111 -32.14 -15.82 -30.46
CA GLN D 111 -30.80 -16.28 -30.83
C GLN D 111 -30.37 -17.36 -29.85
N PRO D 112 -29.36 -18.15 -30.20
CA PRO D 112 -28.95 -19.26 -29.33
C PRO D 112 -28.45 -18.78 -27.98
N LYS D 113 -28.42 -19.70 -27.01
CA LYS D 113 -27.95 -19.39 -25.68
C LYS D 113 -26.43 -19.19 -25.70
N SER D 114 -25.99 -18.00 -25.32
CA SER D 114 -24.57 -17.67 -25.21
C SER D 114 -24.23 -17.45 -23.74
N SER D 115 -23.15 -18.08 -23.28
CA SER D 115 -22.78 -17.99 -21.87
C SER D 115 -21.86 -16.82 -21.63
N PRO D 116 -21.79 -16.33 -20.38
CA PRO D 116 -21.11 -15.05 -20.13
C PRO D 116 -19.60 -15.15 -20.13
N SER D 117 -18.97 -14.09 -20.62
CA SER D 117 -17.51 -13.90 -20.52
C SER D 117 -17.27 -13.00 -19.31
N VAL D 118 -16.81 -13.60 -18.22
CA VAL D 118 -16.60 -12.87 -16.96
C VAL D 118 -15.13 -12.51 -16.84
N THR D 119 -14.86 -11.27 -16.43
CA THR D 119 -13.52 -10.79 -16.18
C THR D 119 -13.50 -10.03 -14.87
N LEU D 120 -12.55 -10.38 -14.00
CA LEU D 120 -12.44 -9.79 -12.67
C LEU D 120 -11.19 -8.92 -12.60
N PHE D 121 -11.34 -7.73 -12.03
CA PHE D 121 -10.24 -6.78 -11.89
C PHE D 121 -10.01 -6.47 -10.42
N PRO D 122 -8.78 -6.60 -9.92
CA PRO D 122 -8.52 -6.30 -8.50
C PRO D 122 -8.50 -4.80 -8.26
N PRO D 123 -8.34 -4.38 -7.01
CA PRO D 123 -8.29 -2.93 -6.72
C PRO D 123 -6.88 -2.40 -6.89
N SER D 124 -6.78 -1.24 -7.55
CA SER D 124 -5.48 -0.60 -7.71
C SER D 124 -4.96 -0.09 -6.38
N SER D 125 -3.63 -0.06 -6.25
CA SER D 125 -3.02 0.60 -5.10
C SER D 125 -3.56 2.00 -4.94
N GLU D 126 -3.93 2.65 -6.04
CA GLU D 126 -4.68 3.90 -6.04
C GLU D 126 -5.92 3.75 -5.18
N GLU D 127 -6.84 2.89 -5.61
CA GLU D 127 -8.06 2.63 -4.85
C GLU D 127 -7.75 2.25 -3.41
N LEU D 128 -6.68 1.47 -3.19
CA LEU D 128 -6.46 0.88 -1.87
C LEU D 128 -6.00 1.89 -0.82
N GLU D 129 -5.38 2.99 -1.22
CA GLU D 129 -5.06 4.08 -0.31
C GLU D 129 -6.24 5.01 -0.07
N THR D 130 -7.43 4.70 -0.63
CA THR D 130 -8.64 5.51 -0.46
C THR D 130 -9.63 4.95 0.57
N ASN D 131 -9.16 4.15 1.52
CA ASN D 131 -10.03 3.46 2.47
C ASN D 131 -11.10 2.63 1.75
N LYS D 132 -10.80 2.18 0.54
CA LYS D 132 -11.75 1.50 -0.31
C LYS D 132 -11.02 0.50 -1.17
N ALA D 133 -11.68 -0.61 -1.48
CA ALA D 133 -11.08 -1.67 -2.31
C ALA D 133 -12.19 -2.21 -3.19
N THR D 134 -12.30 -1.68 -4.41
CA THR D 134 -13.38 -2.04 -5.31
C THR D 134 -12.91 -3.13 -6.26
N LEU D 135 -13.63 -4.25 -6.26
CA LEU D 135 -13.42 -5.31 -7.25
C LEU D 135 -14.47 -5.18 -8.34
N VAL D 136 -14.02 -5.15 -9.59
CA VAL D 136 -14.89 -4.97 -10.76
C VAL D 136 -14.99 -6.30 -11.49
N CYS D 137 -16.23 -6.75 -11.71
CA CYS D 137 -16.52 -8.00 -12.41
C CYS D 137 -17.39 -7.66 -13.61
N THR D 138 -16.82 -7.73 -14.80
CA THR D 138 -17.53 -7.42 -16.04
C THR D 138 -18.10 -8.69 -16.65
N ILE D 139 -19.32 -8.59 -17.17
CA ILE D 139 -20.01 -9.71 -17.80
C ILE D 139 -20.48 -9.26 -19.18
N THR D 140 -20.03 -9.98 -20.22
CA THR D 140 -20.29 -9.56 -21.58
C THR D 140 -20.65 -10.76 -22.45
N ASP D 141 -21.42 -10.50 -23.49
CA ASP D 141 -21.69 -11.46 -24.56
C ASP D 141 -22.42 -12.70 -24.05
N PHE D 142 -23.52 -12.47 -23.34
CA PHE D 142 -24.36 -13.55 -22.83
C PHE D 142 -25.81 -13.30 -23.23
N TYR D 143 -26.49 -14.36 -23.64
CA TYR D 143 -27.89 -14.33 -24.05
C TYR D 143 -28.59 -15.56 -23.46
N PRO D 144 -29.81 -15.41 -22.92
CA PRO D 144 -30.60 -14.18 -22.73
C PRO D 144 -29.94 -13.17 -21.80
N GLY D 145 -30.56 -12.01 -21.57
CA GLY D 145 -29.90 -10.94 -20.86
C GLY D 145 -30.17 -10.87 -19.37
N VAL D 146 -30.04 -12.00 -18.67
CA VAL D 146 -30.23 -12.04 -17.23
C VAL D 146 -29.15 -12.92 -16.62
N VAL D 147 -28.36 -12.35 -15.71
CA VAL D 147 -27.36 -13.09 -14.94
C VAL D 147 -27.51 -12.74 -13.47
N THR D 148 -27.09 -13.66 -12.61
CA THR D 148 -26.97 -13.41 -11.18
C THR D 148 -25.49 -13.48 -10.81
N VAL D 149 -25.06 -12.58 -9.93
CA VAL D 149 -23.67 -12.48 -9.51
C VAL D 149 -23.61 -12.64 -8.01
N ASP D 150 -22.73 -13.51 -7.53
CA ASP D 150 -22.54 -13.76 -6.11
C ASP D 150 -21.05 -13.74 -5.79
N TRP D 151 -20.67 -12.95 -4.79
CA TRP D 151 -19.28 -12.81 -4.38
C TRP D 151 -18.97 -13.71 -3.19
N LYS D 152 -17.70 -14.06 -3.05
CA LYS D 152 -17.24 -14.89 -1.94
C LYS D 152 -15.79 -14.50 -1.63
N VAL D 153 -15.53 -14.14 -0.37
CA VAL D 153 -14.21 -13.76 0.09
C VAL D 153 -13.70 -14.87 1.01
N ASP D 154 -12.64 -15.55 0.58
CA ASP D 154 -12.13 -16.72 1.30
C ASP D 154 -13.22 -17.76 1.49
N GLY D 155 -14.14 -17.85 0.54
CA GLY D 155 -15.22 -18.80 0.60
C GLY D 155 -16.35 -18.43 1.51
N THR D 156 -16.54 -17.15 1.80
CA THR D 156 -17.60 -16.68 2.67
C THR D 156 -18.52 -15.75 1.88
N PRO D 157 -19.81 -16.09 1.69
CA PRO D 157 -20.69 -15.26 0.84
C PRO D 157 -20.90 -13.86 1.41
N MET D 162 -21.50 -5.65 -4.09
CA MET D 162 -22.28 -4.64 -3.39
C MET D 162 -23.32 -4.02 -4.33
N GLU D 163 -22.96 -3.88 -5.60
CA GLU D 163 -23.86 -3.29 -6.59
C GLU D 163 -23.61 -3.93 -7.95
N THR D 164 -24.68 -4.16 -8.70
CA THR D 164 -24.62 -4.72 -10.04
C THR D 164 -25.42 -3.82 -10.98
N THR D 165 -24.99 -3.78 -12.24
CA THR D 165 -25.63 -2.91 -13.22
C THR D 165 -26.86 -3.60 -13.83
N SER D 168 -28.01 -4.14 -20.27
CA SER D 168 -27.82 -3.49 -21.56
C SER D 168 -27.63 -4.53 -22.66
N LYS D 169 -27.99 -4.17 -23.89
CA LYS D 169 -27.84 -5.05 -25.04
C LYS D 169 -27.04 -4.31 -26.12
N GLN D 170 -25.88 -4.86 -26.47
CA GLN D 170 -25.01 -4.26 -27.45
C GLN D 170 -25.56 -4.47 -28.86
N SER D 171 -24.94 -3.78 -29.82
CA SER D 171 -25.36 -3.91 -31.22
C SER D 171 -25.51 -5.37 -31.63
N ASN D 172 -24.59 -6.23 -31.22
CA ASN D 172 -24.65 -7.64 -31.60
C ASN D 172 -25.76 -8.39 -30.88
N ASN D 173 -26.59 -7.71 -30.10
CA ASN D 173 -27.80 -8.19 -29.45
C ASN D 173 -27.52 -9.03 -28.21
N LYS D 174 -26.27 -9.41 -27.95
CA LYS D 174 -25.94 -9.97 -26.65
C LYS D 174 -26.00 -8.87 -25.59
N TYR D 175 -25.81 -9.25 -24.34
CA TYR D 175 -26.03 -8.35 -23.21
C TYR D 175 -24.78 -8.16 -22.39
N MET D 176 -24.70 -7.01 -21.73
CA MET D 176 -23.61 -6.66 -20.84
C MET D 176 -24.14 -6.52 -19.41
N ALA D 177 -23.21 -6.51 -18.46
CA ALA D 177 -23.53 -6.22 -17.07
C ALA D 177 -22.24 -6.21 -16.26
N SER D 178 -22.19 -5.43 -15.20
CA SER D 178 -21.04 -5.36 -14.31
C SER D 178 -21.52 -5.43 -12.87
N SER D 179 -20.65 -5.95 -12.00
CA SER D 179 -20.91 -6.03 -10.57
C SER D 179 -19.67 -5.56 -9.83
N TYR D 180 -19.88 -4.67 -8.86
CA TYR D 180 -18.79 -4.06 -8.11
C TYR D 180 -18.89 -4.47 -6.64
N LEU D 181 -17.73 -4.64 -6.02
CA LEU D 181 -17.63 -4.98 -4.59
C LEU D 181 -16.58 -4.09 -3.97
N THR D 182 -16.98 -3.29 -2.99
CA THR D 182 -16.09 -2.33 -2.34
C THR D 182 -16.03 -2.59 -0.83
N LEU D 183 -14.83 -2.49 -0.28
CA LEU D 183 -14.61 -2.68 1.15
C LEU D 183 -13.94 -1.44 1.75
N TRP D 188 -8.94 -5.38 2.61
CA TRP D 188 -8.39 -5.98 1.39
C TRP D 188 -7.13 -6.78 1.70
N GLU D 189 -6.26 -6.22 2.54
CA GLU D 189 -5.04 -6.92 2.94
C GLU D 189 -5.31 -7.99 3.99
N ARG D 190 -6.45 -7.92 4.69
CA ARG D 190 -6.76 -8.92 5.71
C ARG D 190 -7.30 -10.21 5.10
N HIS D 191 -7.91 -10.13 3.90
CA HIS D 191 -8.36 -11.30 3.19
C HIS D 191 -7.27 -11.78 2.22
N SER D 192 -7.53 -12.91 1.55
CA SER D 192 -6.56 -13.49 0.64
C SER D 192 -7.16 -14.11 -0.61
N SER D 193 -8.45 -14.45 -0.64
CA SER D 193 -9.06 -15.05 -1.81
C SER D 193 -10.39 -14.35 -2.09
N TYR D 194 -10.57 -13.90 -3.33
CA TYR D 194 -11.80 -13.26 -3.77
C TYR D 194 -12.33 -13.99 -4.99
N SER D 195 -13.65 -13.99 -5.14
CA SER D 195 -14.28 -14.74 -6.22
C SER D 195 -15.54 -14.02 -6.69
N CYS D 196 -15.74 -14.03 -8.01
CA CYS D 196 -16.95 -13.49 -8.64
C CYS D 196 -17.64 -14.64 -9.38
N GLN D 197 -18.81 -15.04 -8.91
CA GLN D 197 -19.58 -16.11 -9.52
C GLN D 197 -20.75 -15.51 -10.30
N VAL D 198 -20.79 -15.78 -11.60
CA VAL D 198 -21.84 -15.26 -12.48
C VAL D 198 -22.61 -16.46 -13.02
N THR D 199 -23.80 -16.72 -12.47
CA THR D 199 -24.62 -17.83 -12.91
C THR D 199 -25.51 -17.37 -14.06
N HIS D 200 -25.57 -18.18 -15.12
CA HIS D 200 -26.35 -17.87 -16.31
C HIS D 200 -26.99 -19.14 -16.82
N GLU D 201 -28.32 -19.18 -16.86
CA GLU D 201 -29.08 -20.32 -17.37
C GLU D 201 -28.74 -21.59 -16.61
N GLY D 202 -28.53 -21.45 -15.30
CA GLY D 202 -28.23 -22.59 -14.45
C GLY D 202 -26.80 -23.05 -14.44
N HIS D 203 -25.92 -22.44 -15.23
CA HIS D 203 -24.52 -22.79 -15.29
C HIS D 203 -23.69 -21.63 -14.75
N THR D 204 -22.81 -21.92 -13.80
CA THR D 204 -22.03 -20.89 -13.13
C THR D 204 -20.69 -20.67 -13.83
N VAL D 205 -20.26 -19.41 -13.85
CA VAL D 205 -18.95 -19.01 -14.36
C VAL D 205 -18.27 -18.23 -13.24
N GLU D 206 -17.09 -18.69 -12.82
CA GLU D 206 -16.39 -18.13 -11.68
C GLU D 206 -15.04 -17.59 -12.07
N LYS D 207 -14.69 -16.43 -11.51
CA LYS D 207 -13.38 -15.82 -11.68
C LYS D 207 -12.89 -15.35 -10.31
N SER D 208 -11.68 -15.76 -9.94
CA SER D 208 -11.16 -15.51 -8.61
C SER D 208 -9.76 -14.92 -8.70
N LEU D 209 -9.33 -14.28 -7.60
CA LEU D 209 -8.02 -13.68 -7.50
C LEU D 209 -7.46 -13.94 -6.12
N SER D 210 -6.19 -13.59 -5.93
CA SER D 210 -5.51 -13.81 -4.66
C SER D 210 -5.09 -12.49 -4.00
N GLU E 1 3.20 -2.57 9.50
CA GLU E 1 3.14 -3.98 9.01
C GLU E 1 2.68 -4.90 10.14
N VAL E 2 2.29 -6.13 9.79
CA VAL E 2 1.93 -7.12 10.78
C VAL E 2 3.16 -7.48 11.62
N LYS E 3 2.91 -7.75 12.91
CA LYS E 3 3.98 -8.14 13.82
C LYS E 3 3.42 -9.11 14.84
N LEU E 4 4.04 -10.28 14.95
CA LEU E 4 3.67 -11.30 15.92
C LEU E 4 4.82 -11.47 16.90
N GLU E 5 4.62 -11.07 18.15
CA GLU E 5 5.61 -11.27 19.20
C GLU E 5 5.11 -12.33 20.18
N GLU E 6 6.00 -13.23 20.56
CA GLU E 6 5.66 -14.38 21.38
C GLU E 6 6.31 -14.28 22.75
N SER E 7 5.73 -14.99 23.71
CA SER E 7 6.15 -14.91 25.10
C SER E 7 5.73 -16.17 25.82
N GLY E 8 6.34 -16.39 26.98
CA GLY E 8 5.86 -17.37 27.92
C GLY E 8 6.48 -18.74 27.84
N GLY E 9 7.60 -18.88 27.16
CA GLY E 9 8.30 -20.15 27.16
C GLY E 9 9.24 -20.30 28.34
N GLY E 10 9.65 -21.53 28.60
CA GLY E 10 10.57 -21.80 29.68
C GLY E 10 10.60 -23.27 30.03
N LEU E 11 11.22 -23.54 31.18
CA LEU E 11 11.35 -24.91 31.68
C LEU E 11 10.15 -25.24 32.57
N VAL E 12 9.72 -26.50 32.50
CA VAL E 12 8.53 -26.94 33.22
C VAL E 12 8.67 -28.43 33.50
N GLN E 13 8.46 -28.81 34.76
CA GLN E 13 8.49 -30.22 35.12
C GLN E 13 7.47 -30.99 34.29
N PRO E 14 7.70 -32.28 34.03
CA PRO E 14 6.67 -33.09 33.37
C PRO E 14 5.38 -33.08 34.20
N GLY E 15 4.25 -32.98 33.50
CA GLY E 15 2.98 -32.79 34.15
C GLY E 15 2.65 -31.36 34.50
N GLY E 16 3.60 -30.44 34.37
CA GLY E 16 3.35 -29.05 34.64
C GLY E 16 2.46 -28.42 33.59
N SER E 17 2.38 -27.10 33.66
CA SER E 17 1.53 -26.31 32.76
C SER E 17 2.22 -24.99 32.45
N MET E 18 1.83 -24.40 31.32
CA MET E 18 2.37 -23.12 30.88
C MET E 18 1.39 -22.50 29.89
N LYS E 19 1.50 -21.19 29.71
CA LYS E 19 0.60 -20.44 28.84
C LYS E 19 1.42 -19.52 27.96
N LEU E 20 1.42 -19.78 26.66
CA LEU E 20 2.12 -18.94 25.70
C LEU E 20 1.21 -17.82 25.21
N SER E 21 1.83 -16.74 24.75
CA SER E 21 1.12 -15.58 24.26
C SER E 21 1.68 -15.17 22.91
N CYS E 22 0.79 -14.80 21.99
CA CYS E 22 1.16 -14.29 20.68
C CYS E 22 0.40 -12.98 20.49
N VAL E 23 1.14 -11.88 20.39
CA VAL E 23 0.55 -10.56 20.27
C VAL E 23 0.64 -10.13 18.81
N ALA E 24 -0.52 -9.98 18.17
CA ALA E 24 -0.61 -9.73 16.74
C ALA E 24 -1.14 -8.32 16.52
N SER E 25 -0.35 -7.50 15.83
CA SER E 25 -0.67 -6.09 15.62
C SER E 25 -0.44 -5.72 14.15
N GLY E 26 -1.42 -5.03 13.56
CA GLY E 26 -1.27 -4.52 12.21
C GLY E 26 -2.35 -4.96 11.26
N PHE E 27 -3.40 -5.61 11.78
CA PHE E 27 -4.48 -6.08 10.92
C PHE E 27 -5.84 -6.08 11.60
N SER E 28 -5.99 -5.37 12.72
CA SER E 28 -7.27 -5.20 13.40
C SER E 28 -7.84 -6.52 13.90
N PHE E 29 -7.00 -7.52 14.11
CA PHE E 29 -7.37 -8.77 14.79
C PHE E 29 -8.63 -9.38 14.16
N THR E 30 -8.62 -9.52 12.84
CA THR E 30 -9.76 -10.13 12.17
C THR E 30 -9.33 -10.69 10.83
N ASN E 31 -10.15 -11.59 10.30
CA ASN E 31 -10.07 -12.14 8.96
C ASN E 31 -8.86 -13.06 8.76
N TYR E 32 -8.22 -13.50 9.84
CA TYR E 32 -7.16 -14.48 9.76
C TYR E 32 -7.46 -15.64 10.70
N TRP E 33 -6.71 -16.73 10.53
CA TRP E 33 -6.65 -17.80 11.51
C TRP E 33 -5.28 -17.76 12.17
N MET E 34 -5.25 -17.93 13.49
CA MET E 34 -4.00 -17.99 14.24
C MET E 34 -3.70 -19.46 14.54
N ASN E 35 -2.54 -19.93 14.08
CA ASN E 35 -2.11 -21.30 14.28
C ASN E 35 -0.98 -21.33 15.31
N TRP E 36 -0.88 -22.44 16.02
CA TRP E 36 0.28 -22.76 16.85
C TRP E 36 0.97 -23.98 16.26
N VAL E 37 2.26 -23.85 15.95
CA VAL E 37 3.05 -24.91 15.34
C VAL E 37 4.35 -25.04 16.13
N ARG E 38 4.71 -26.26 16.47
CA ARG E 38 5.92 -26.54 17.24
C ARG E 38 6.96 -27.24 16.38
N GLN E 39 8.21 -26.81 16.52
CA GLN E 39 9.35 -27.38 15.79
C GLN E 39 10.15 -28.21 16.80
N SER E 40 10.04 -29.53 16.70
CA SER E 40 10.69 -30.43 17.65
C SER E 40 12.19 -30.47 17.38
N PRO E 41 12.95 -31.11 18.28
CA PRO E 41 14.41 -31.23 18.06
C PRO E 41 14.76 -31.89 16.76
N GLU E 42 13.87 -32.70 16.22
CA GLU E 42 14.08 -33.35 14.96
C GLU E 42 13.65 -32.48 13.78
N LYS E 43 13.87 -31.16 13.89
CA LYS E 43 13.65 -30.22 12.79
C LYS E 43 12.31 -30.42 12.08
N GLY E 44 11.34 -31.03 12.76
CA GLY E 44 10.05 -31.30 12.18
C GLY E 44 9.01 -30.31 12.70
N LEU E 45 8.26 -29.74 11.77
CA LEU E 45 7.10 -28.92 12.12
C LEU E 45 5.95 -29.83 12.52
N GLU E 46 5.17 -29.40 13.52
CA GLU E 46 4.00 -30.13 13.96
C GLU E 46 2.91 -29.14 14.33
N TRP E 47 1.75 -29.26 13.70
CA TRP E 47 0.63 -28.36 13.94
C TRP E 47 -0.03 -28.71 15.27
N VAL E 48 -0.26 -27.71 16.08
CA VAL E 48 -0.77 -27.88 17.44
C VAL E 48 -2.23 -27.54 17.53
N ALA E 49 -2.62 -26.34 17.14
CA ALA E 49 -3.99 -25.87 17.27
C ALA E 49 -4.11 -24.58 16.47
N GLU E 50 -5.36 -24.11 16.36
CA GLU E 50 -5.63 -22.83 15.74
C GLU E 50 -7.01 -22.34 16.15
N ILE E 51 -7.20 -21.02 16.03
CA ILE E 51 -8.43 -20.34 16.41
C ILE E 51 -8.80 -19.36 15.30
N SER E 52 -10.11 -19.18 15.10
CA SER E 52 -10.62 -18.32 14.04
C SER E 52 -10.70 -16.88 14.53
N LEU E 53 -9.87 -16.01 13.96
CA LEU E 53 -9.92 -14.58 14.25
C LEU E 53 -10.83 -13.89 13.23
N LYS E 54 -12.12 -14.18 13.34
CA LYS E 54 -13.11 -13.55 12.48
C LYS E 54 -14.31 -13.13 13.31
N SER E 55 -14.82 -11.92 13.04
CA SER E 55 -15.87 -11.35 13.86
C SER E 55 -17.14 -12.18 13.82
N SER E 56 -17.45 -12.74 12.65
CA SER E 56 -18.69 -13.48 12.46
C SER E 56 -18.57 -14.96 12.81
N ASN E 57 -17.40 -15.41 13.25
CA ASN E 57 -17.14 -16.84 13.39
C ASN E 57 -16.14 -17.10 14.50
N TYR E 58 -16.42 -18.11 15.31
CA TYR E 58 -15.51 -18.55 16.36
C TYR E 58 -15.35 -20.06 16.27
N VAL E 59 -14.14 -20.51 15.96
CA VAL E 59 -13.87 -21.93 15.75
C VAL E 59 -12.49 -22.24 16.29
N THR E 60 -12.32 -23.43 16.85
CA THR E 60 -11.03 -23.90 17.32
C THR E 60 -10.81 -25.34 16.89
N TYR E 61 -9.60 -25.64 16.44
CA TYR E 61 -9.19 -26.99 16.12
C TYR E 61 -7.96 -27.35 16.94
N TYR E 62 -7.81 -28.64 17.22
CA TYR E 62 -6.67 -29.14 17.99
C TYR E 62 -6.14 -30.40 17.35
N ALA E 63 -4.82 -30.55 17.35
CA ALA E 63 -4.21 -31.81 16.96
C ALA E 63 -4.61 -32.91 17.95
N GLU E 64 -4.76 -34.12 17.43
CA GLU E 64 -5.22 -35.22 18.27
C GLU E 64 -4.33 -35.43 19.49
N SER E 65 -3.04 -35.14 19.37
CA SER E 65 -2.10 -35.40 20.45
C SER E 65 -2.13 -34.34 21.54
N VAL E 66 -2.89 -33.26 21.36
CA VAL E 66 -3.05 -32.24 22.38
C VAL E 66 -4.48 -32.13 22.88
N LYS E 67 -5.41 -32.88 22.29
CA LYS E 67 -6.81 -32.79 22.71
C LYS E 67 -6.94 -33.17 24.18
N GLY E 68 -7.57 -32.28 24.95
CA GLY E 68 -7.77 -32.49 26.37
C GLY E 68 -6.68 -31.94 27.27
N ARG E 69 -5.58 -31.45 26.69
CA ARG E 69 -4.49 -30.87 27.45
C ARG E 69 -4.22 -29.42 27.08
N PHE E 70 -4.34 -29.06 25.81
CA PHE E 70 -4.11 -27.70 25.36
C PHE E 70 -5.44 -27.04 25.02
N THR E 71 -5.56 -25.75 25.30
CA THR E 71 -6.69 -24.96 24.83
C THR E 71 -6.15 -23.67 24.24
N ILE E 72 -6.69 -23.28 23.09
CA ILE E 72 -6.33 -22.03 22.44
C ILE E 72 -7.45 -21.02 22.70
N SER E 73 -7.07 -19.75 22.81
CA SER E 73 -8.02 -18.70 23.15
C SER E 73 -7.48 -17.37 22.64
N SER E 74 -8.34 -16.36 22.63
CA SER E 74 -7.98 -15.08 22.05
C SER E 74 -8.65 -13.95 22.82
N ASP E 75 -8.03 -12.77 22.76
CA ASP E 75 -8.57 -11.56 23.38
C ASP E 75 -8.34 -10.41 22.41
N LYS E 76 -9.40 -9.95 21.75
CA LYS E 76 -9.26 -8.90 20.73
C LYS E 76 -8.77 -7.60 21.36
N SER E 77 -9.36 -7.20 22.48
CA SER E 77 -8.93 -5.95 23.13
C SER E 77 -7.43 -5.97 23.42
N LYS E 78 -6.87 -7.14 23.76
CA LYS E 78 -5.44 -7.26 24.00
C LYS E 78 -4.66 -7.59 22.73
N ARG E 79 -5.33 -7.86 21.62
CA ARG E 79 -4.66 -8.25 20.38
C ARG E 79 -3.70 -9.43 20.63
N SER E 80 -4.22 -10.44 21.32
CA SER E 80 -3.40 -11.56 21.77
C SER E 80 -4.14 -12.87 21.57
N VAL E 81 -3.39 -13.91 21.22
CA VAL E 81 -3.87 -15.29 21.16
C VAL E 81 -3.02 -16.12 22.10
N TYR E 82 -3.68 -16.91 22.94
CA TYR E 82 -3.01 -17.67 23.99
C TYR E 82 -3.10 -19.16 23.69
N LEU E 83 -2.05 -19.89 24.11
CA LEU E 83 -2.07 -21.34 24.15
C LEU E 83 -1.85 -21.78 25.59
N GLN E 84 -2.85 -22.42 26.18
CA GLN E 84 -2.78 -22.91 27.56
C GLN E 84 -2.47 -24.40 27.51
N MET E 85 -1.26 -24.77 27.92
CA MET E 85 -0.84 -26.16 27.92
C MET E 85 -0.86 -26.72 29.35
N ASN E 86 -1.40 -27.92 29.49
CA ASN E 86 -1.47 -28.58 30.79
C ASN E 86 -1.01 -30.02 30.65
N ASN E 87 -0.51 -30.58 31.75
CA ASN E 87 -0.08 -31.98 31.77
C ASN E 87 1.04 -32.22 30.77
N LEU E 88 1.93 -31.24 30.66
CA LEU E 88 2.98 -31.30 29.64
C LEU E 88 3.82 -32.56 29.77
N ARG E 89 4.10 -33.18 28.63
CA ARG E 89 4.99 -34.33 28.53
C ARG E 89 6.27 -33.92 27.82
N ALA E 90 7.21 -34.87 27.72
CA ALA E 90 8.48 -34.57 27.08
C ALA E 90 8.30 -34.26 25.59
N GLU E 91 7.45 -35.02 24.90
CA GLU E 91 7.26 -34.81 23.47
C GLU E 91 6.79 -33.40 23.14
N ASP E 92 6.23 -32.68 24.12
CA ASP E 92 5.77 -31.31 23.90
C ASP E 92 6.92 -30.31 23.87
N THR E 93 8.16 -30.76 24.04
CA THR E 93 9.30 -29.86 24.00
C THR E 93 9.58 -29.42 22.56
N GLY E 94 9.88 -28.13 22.41
CA GLY E 94 10.22 -27.60 21.11
C GLY E 94 10.07 -26.08 21.11
N ILE E 95 10.19 -25.51 19.91
CA ILE E 95 9.97 -24.09 19.69
C ILE E 95 8.54 -23.92 19.18
N TYR E 96 7.75 -23.11 19.86
CA TYR E 96 6.35 -22.92 19.51
C TYR E 96 6.20 -21.62 18.74
N PHE E 97 5.67 -21.71 17.52
CA PHE E 97 5.46 -20.55 16.65
C PHE E 97 3.97 -20.28 16.52
N CYS E 98 3.61 -19.00 16.42
CA CYS E 98 2.27 -18.61 16.01
C CYS E 98 2.35 -18.06 14.59
N SER E 99 1.31 -18.33 13.80
CA SER E 99 1.33 -18.01 12.39
C SER E 99 -0.07 -17.66 11.91
N LEU E 100 -0.20 -16.50 11.28
CA LEU E 100 -1.47 -16.10 10.68
C LEU E 100 -1.64 -16.85 9.35
N TRP E 101 -2.84 -17.39 9.13
CA TRP E 101 -3.12 -18.19 7.95
C TRP E 101 -4.44 -17.75 7.33
N GLN E 102 -4.42 -17.53 6.02
CA GLN E 102 -5.65 -17.35 5.24
C GLN E 102 -5.31 -17.84 3.84
N THR E 103 -5.75 -19.07 3.52
CA THR E 103 -5.35 -19.78 2.31
C THR E 103 -3.93 -20.31 2.46
N TRP E 104 -2.98 -19.42 2.75
CA TRP E 104 -1.59 -19.78 2.98
C TRP E 104 -1.15 -19.19 4.31
N PHE E 105 -0.01 -19.67 4.81
CA PHE E 105 0.60 -19.09 5.99
C PHE E 105 1.30 -17.79 5.59
N ALA E 106 0.81 -16.66 6.11
CA ALA E 106 1.23 -15.36 5.63
C ALA E 106 2.19 -14.64 6.57
N TYR E 107 2.15 -14.93 7.85
CA TYR E 107 3.03 -14.29 8.82
C TYR E 107 3.40 -15.30 9.91
N TRP E 108 4.62 -15.16 10.44
CA TRP E 108 5.13 -16.06 11.46
C TRP E 108 5.77 -15.27 12.59
N GLY E 109 5.68 -15.82 13.80
CA GLY E 109 6.32 -15.24 14.96
C GLY E 109 7.78 -15.62 15.08
N GLN E 110 8.42 -15.10 16.13
CA GLN E 110 9.84 -15.40 16.35
C GLN E 110 10.04 -16.74 17.03
N GLY E 111 9.03 -17.27 17.69
CA GLY E 111 9.16 -18.54 18.38
C GLY E 111 9.45 -18.36 19.86
N THR E 112 9.08 -19.36 20.65
CA THR E 112 9.38 -19.40 22.07
C THR E 112 9.65 -20.85 22.45
N LEU E 113 10.67 -21.05 23.28
CA LEU E 113 11.16 -22.39 23.58
C LEU E 113 10.53 -22.91 24.85
N VAL E 114 9.82 -24.03 24.74
CA VAL E 114 9.26 -24.75 25.88
C VAL E 114 10.09 -26.00 26.10
N THR E 115 10.61 -26.17 27.31
CA THR E 115 11.40 -27.34 27.67
C THR E 115 10.67 -28.10 28.76
N VAL E 116 10.33 -29.36 28.48
CA VAL E 116 9.68 -30.24 29.44
C VAL E 116 10.74 -31.20 29.95
N SER E 117 11.34 -30.87 31.10
CA SER E 117 12.42 -31.67 31.66
C SER E 117 12.43 -31.50 33.17
N SER E 118 12.66 -32.61 33.89
CA SER E 118 12.74 -32.58 35.34
C SER E 118 14.15 -32.28 35.84
N ALA E 119 15.02 -31.76 34.98
CA ALA E 119 16.40 -31.49 35.34
C ALA E 119 16.53 -30.10 35.94
N LYS E 120 17.52 -29.96 36.82
CA LYS E 120 17.73 -28.69 37.51
C LYS E 120 18.14 -27.61 36.51
N THR E 121 17.74 -26.37 36.81
CA THR E 121 18.32 -25.23 36.12
C THR E 121 19.75 -25.03 36.60
N THR E 122 20.68 -24.85 35.67
CA THR E 122 22.09 -24.66 36.01
C THR E 122 22.61 -23.46 35.22
N PRO E 123 23.15 -22.44 35.88
CA PRO E 123 23.61 -21.26 35.14
C PRO E 123 24.92 -21.54 34.44
N PRO E 124 25.32 -20.70 33.49
CA PRO E 124 26.55 -20.95 32.76
C PRO E 124 27.78 -20.42 33.47
N SER E 125 28.88 -21.14 33.30
CA SER E 125 30.21 -20.64 33.62
C SER E 125 30.77 -19.96 32.37
N VAL E 126 31.08 -18.68 32.48
CA VAL E 126 31.49 -17.87 31.33
C VAL E 126 32.98 -17.59 31.45
N TYR E 127 33.74 -17.96 30.42
CA TYR E 127 35.17 -17.77 30.39
C TYR E 127 35.59 -16.96 29.17
N PRO E 128 36.59 -16.09 29.28
CA PRO E 128 37.08 -15.36 28.11
C PRO E 128 38.01 -16.23 27.29
N LEU E 129 37.98 -15.99 25.97
CA LEU E 129 38.82 -16.72 25.02
C LEU E 129 39.67 -15.69 24.28
N ALA E 130 40.84 -15.36 24.84
CA ALA E 130 41.80 -14.47 24.21
C ALA E 130 42.74 -15.26 23.32
N PRO E 131 43.37 -14.60 22.34
CA PRO E 131 44.25 -15.33 21.42
C PRO E 131 45.55 -15.75 22.09
N GLY E 132 46.08 -16.89 21.66
CA GLY E 132 47.35 -17.37 22.15
C GLY E 132 48.45 -17.22 21.12
N SER E 133 48.91 -15.99 20.93
CA SER E 133 49.97 -15.70 19.96
C SER E 133 50.98 -14.71 20.53
N THR E 137 49.37 -12.11 14.17
CA THR E 137 48.07 -12.50 13.63
C THR E 137 47.90 -11.90 12.23
N ASN E 138 46.70 -11.43 11.93
CA ASN E 138 46.39 -10.80 10.66
C ASN E 138 45.98 -9.34 10.90
N SER E 139 45.46 -8.69 9.85
CA SER E 139 44.90 -7.35 9.99
C SER E 139 43.67 -7.35 10.89
N MET E 140 43.10 -8.51 11.19
CA MET E 140 41.96 -8.67 12.07
C MET E 140 42.34 -9.57 13.24
N VAL E 141 41.49 -9.58 14.26
CA VAL E 141 41.68 -10.40 15.45
C VAL E 141 40.31 -10.90 15.90
N THR E 142 40.23 -12.18 16.27
CA THR E 142 38.98 -12.82 16.62
C THR E 142 39.00 -13.18 18.10
N LEU E 143 38.18 -12.49 18.88
CA LEU E 143 38.00 -12.80 20.30
C LEU E 143 36.84 -13.79 20.47
N GLY E 144 36.75 -14.38 21.67
CA GLY E 144 35.78 -15.43 21.90
C GLY E 144 35.20 -15.40 23.30
N CYS E 145 34.12 -16.17 23.47
CA CYS E 145 33.38 -16.25 24.71
C CYS E 145 32.87 -17.67 24.85
N LEU E 146 33.32 -18.37 25.89
CA LEU E 146 32.95 -19.76 26.12
C LEU E 146 31.84 -19.81 27.16
N VAL E 147 30.68 -20.31 26.77
CA VAL E 147 29.52 -20.46 27.66
C VAL E 147 29.43 -21.94 27.97
N LYS E 148 29.88 -22.32 29.17
CA LYS E 148 30.08 -23.72 29.54
C LYS E 148 29.10 -24.14 30.63
N GLY E 149 28.53 -25.33 30.45
CA GLY E 149 27.73 -25.97 31.48
C GLY E 149 26.52 -25.18 31.92
N TYR E 150 25.48 -25.15 31.08
CA TYR E 150 24.23 -24.50 31.44
C TYR E 150 23.07 -25.39 31.01
N PHE E 151 21.95 -25.26 31.73
CA PHE E 151 20.70 -25.92 31.39
C PHE E 151 19.57 -25.06 31.93
N PRO E 152 18.47 -24.89 31.18
CA PRO E 152 18.19 -25.39 29.83
C PRO E 152 18.64 -24.40 28.78
N GLU E 153 18.43 -24.72 27.50
CA GLU E 153 18.60 -23.72 26.47
C GLU E 153 17.53 -22.64 26.62
N PRO E 154 17.75 -21.45 26.04
CA PRO E 154 18.94 -20.98 25.32
C PRO E 154 19.75 -19.97 26.11
N VAL E 155 20.82 -19.45 25.52
CA VAL E 155 21.54 -18.30 26.04
C VAL E 155 21.57 -17.25 24.93
N THR E 156 21.83 -16.01 25.33
CA THR E 156 21.90 -14.89 24.38
C THR E 156 23.25 -14.22 24.53
N VAL E 157 24.12 -14.43 23.55
CA VAL E 157 25.47 -13.86 23.55
C VAL E 157 25.50 -12.68 22.60
N THR E 158 25.85 -11.51 23.12
CA THR E 158 26.07 -10.32 22.31
C THR E 158 27.40 -9.70 22.70
N TRP E 159 27.92 -8.86 21.82
CA TRP E 159 29.27 -8.30 21.97
C TRP E 159 29.18 -6.78 22.04
N ASN E 160 29.73 -6.21 23.11
CA ASN E 160 29.66 -4.78 23.37
C ASN E 160 28.21 -4.29 23.28
N SER E 161 27.28 -5.09 23.80
CA SER E 161 25.87 -4.74 23.85
C SER E 161 25.32 -4.46 22.45
N GLY E 162 25.63 -5.35 21.51
CA GLY E 162 25.08 -5.28 20.18
C GLY E 162 25.77 -4.32 19.23
N SER E 163 26.70 -3.50 19.71
CA SER E 163 27.38 -2.57 18.83
C SER E 163 28.29 -3.29 17.83
N LEU E 164 28.82 -4.45 18.22
CA LEU E 164 29.67 -5.25 17.34
C LEU E 164 28.86 -6.31 16.57
N SER E 165 27.77 -5.86 15.94
CA SER E 165 26.94 -6.77 15.16
C SER E 165 27.66 -7.34 13.94
N SER E 166 28.82 -6.80 13.60
CA SER E 166 29.59 -7.26 12.45
C SER E 166 30.66 -8.24 12.90
N GLY E 167 30.75 -9.37 12.19
CA GLY E 167 31.75 -10.37 12.50
C GLY E 167 31.40 -11.30 13.64
N VAL E 168 30.26 -11.12 14.28
CA VAL E 168 29.88 -11.99 15.40
C VAL E 168 29.45 -13.34 14.87
N HIS E 169 30.04 -14.40 15.41
CA HIS E 169 29.72 -15.77 15.05
C HIS E 169 29.37 -16.54 16.32
N THR E 170 28.11 -16.94 16.45
CA THR E 170 27.67 -17.82 17.52
C THR E 170 27.46 -19.22 16.96
N PHE E 171 27.87 -20.22 17.72
CA PHE E 171 27.96 -21.58 17.23
C PHE E 171 26.93 -22.49 17.90
N PRO E 172 26.59 -23.60 17.27
CA PRO E 172 25.62 -24.52 17.88
C PRO E 172 26.12 -25.02 19.22
N ALA E 173 25.19 -25.20 20.16
CA ALA E 173 25.52 -25.72 21.47
C ALA E 173 25.77 -27.22 21.39
N VAL E 174 26.78 -27.67 22.10
CA VAL E 174 27.01 -29.09 22.34
C VAL E 174 26.28 -29.48 23.62
N LEU E 175 25.71 -30.68 23.64
CA LEU E 175 25.02 -31.21 24.81
C LEU E 175 25.84 -32.38 25.34
N GLN E 176 26.50 -32.16 26.48
CA GLN E 176 27.32 -33.18 27.13
C GLN E 176 26.80 -33.40 28.54
N SER E 177 26.52 -34.66 28.87
CA SER E 177 26.11 -35.04 30.21
C SER E 177 25.00 -34.13 30.74
N ASP E 178 23.94 -34.00 29.95
CA ASP E 178 22.77 -33.22 30.34
C ASP E 178 23.13 -31.76 30.68
N LEU E 179 24.12 -31.22 29.98
CA LEU E 179 24.49 -29.81 30.11
C LEU E 179 24.85 -29.28 28.73
N TYR E 180 24.64 -27.98 28.54
CA TYR E 180 24.85 -27.33 27.25
C TYR E 180 26.09 -26.44 27.29
N THR E 181 26.81 -26.42 26.17
CA THR E 181 28.00 -25.59 26.02
C THR E 181 28.02 -25.03 24.61
N LEU E 182 28.26 -23.72 24.48
CA LEU E 182 28.46 -23.11 23.17
C LEU E 182 29.49 -22.01 23.29
N SER E 183 29.94 -21.52 22.13
CA SER E 183 30.96 -20.49 22.06
C SER E 183 30.54 -19.43 21.05
N SER E 184 31.07 -18.22 21.22
CA SER E 184 30.76 -17.11 20.34
C SER E 184 32.04 -16.34 20.04
N SER E 185 32.22 -15.95 18.78
CA SER E 185 33.39 -15.21 18.35
C SER E 185 32.96 -13.90 17.71
N VAL E 186 33.87 -12.93 17.73
CA VAL E 186 33.68 -11.64 17.07
C VAL E 186 35.04 -11.20 16.52
N THR E 187 35.05 -10.79 15.26
CA THR E 187 36.28 -10.39 14.58
C THR E 187 36.29 -8.87 14.40
N VAL E 188 37.36 -8.24 14.87
CA VAL E 188 37.55 -6.80 14.73
C VAL E 188 38.92 -6.57 14.09
N PRO E 189 39.23 -5.36 13.63
CA PRO E 189 40.59 -5.07 13.16
C PRO E 189 41.59 -5.20 14.29
N SER E 190 42.79 -5.68 13.94
CA SER E 190 43.84 -5.90 14.94
C SER E 190 44.25 -4.61 15.64
N SER E 191 43.85 -3.46 15.10
CA SER E 191 44.15 -2.12 15.67
C SER E 191 43.12 -1.70 16.71
N THR E 192 41.94 -2.34 16.75
CA THR E 192 40.85 -1.97 17.68
C THR E 192 40.90 -2.87 18.92
N TRP E 193 41.85 -3.80 19.00
CA TRP E 193 42.04 -4.67 20.20
C TRP E 193 43.52 -4.60 20.59
N PRO E 194 43.90 -4.79 21.87
CA PRO E 194 43.04 -4.49 23.03
C PRO E 194 42.71 -3.01 23.17
N SER E 195 43.37 -2.13 22.43
CA SER E 195 43.11 -0.66 22.45
C SER E 195 41.68 -0.38 22.88
N GLU E 196 40.69 -0.73 22.05
CA GLU E 196 39.26 -0.50 22.35
C GLU E 196 38.71 -1.75 23.04
N THR E 197 38.07 -1.61 24.20
CA THR E 197 37.58 -2.76 24.95
C THR E 197 36.61 -3.57 24.12
N VAL E 198 36.65 -4.89 24.28
CA VAL E 198 35.69 -5.82 23.70
C VAL E 198 35.17 -6.70 24.83
N THR E 199 33.85 -6.86 24.90
CA THR E 199 33.22 -7.60 25.98
C THR E 199 32.08 -8.43 25.41
N CYS E 200 32.00 -9.70 25.82
CA CYS E 200 30.87 -10.54 25.46
C CYS E 200 29.84 -10.49 26.58
N ASN E 201 28.59 -10.21 26.21
CA ASN E 201 27.48 -10.09 27.15
C ASN E 201 26.56 -11.29 26.95
N VAL E 202 26.44 -12.11 28.00
CA VAL E 202 25.72 -13.38 27.94
C VAL E 202 24.57 -13.35 28.92
N ALA E 203 23.43 -13.90 28.51
CA ALA E 203 22.24 -13.97 29.35
C ALA E 203 21.67 -15.37 29.30
N HIS E 204 21.39 -15.94 30.47
CA HIS E 204 20.73 -17.23 30.61
C HIS E 204 19.40 -17.00 31.33
N PRO E 205 18.29 -16.88 30.60
CA PRO E 205 17.05 -16.44 31.27
C PRO E 205 16.55 -17.41 32.33
N ALA E 206 16.68 -18.72 32.12
CA ALA E 206 16.10 -19.68 33.04
C ALA E 206 16.59 -19.47 34.47
N SER E 207 17.81 -18.96 34.63
CA SER E 207 18.36 -18.67 35.95
C SER E 207 18.50 -17.19 36.21
N SER E 208 17.96 -16.34 35.32
CA SER E 208 18.03 -14.89 35.46
C SER E 208 19.46 -14.43 35.74
N THR E 209 20.41 -14.98 34.98
CA THR E 209 21.82 -14.64 35.09
C THR E 209 22.25 -13.86 33.85
N LYS E 210 22.91 -12.73 34.07
CA LYS E 210 23.52 -11.95 33.00
C LYS E 210 24.96 -11.67 33.37
N VAL E 211 25.89 -12.02 32.48
CA VAL E 211 27.31 -11.84 32.72
C VAL E 211 27.91 -11.06 31.57
N ASP E 212 28.82 -10.14 31.89
CA ASP E 212 29.59 -9.40 30.90
C ASP E 212 31.07 -9.66 31.17
N LYS E 213 31.79 -10.11 30.14
CA LYS E 213 33.18 -10.53 30.30
C LYS E 213 34.06 -9.80 29.30
N LYS E 214 35.15 -9.22 29.80
CA LYS E 214 36.06 -8.41 28.99
C LYS E 214 37.21 -9.28 28.52
N ILE E 215 37.43 -9.30 27.21
CA ILE E 215 38.49 -10.11 26.61
C ILE E 215 39.80 -9.34 26.77
N VAL E 216 40.68 -9.86 27.63
CA VAL E 216 41.95 -9.20 27.90
C VAL E 216 43.10 -10.07 27.41
N PRO E 217 44.16 -9.49 26.83
CA PRO E 217 45.33 -10.26 26.37
C PRO E 217 45.89 -11.18 27.45
N ALA F 2 -3.42 -39.50 10.57
CA ALA F 2 -2.95 -39.48 9.20
C ALA F 2 -1.50 -39.00 9.11
N VAL F 3 -0.73 -39.63 8.23
CA VAL F 3 0.70 -39.36 8.09
C VAL F 3 0.94 -38.77 6.70
N VAL F 4 1.53 -37.58 6.66
CA VAL F 4 1.89 -36.91 5.41
C VAL F 4 3.37 -37.12 5.18
N THR F 5 3.74 -37.52 3.95
CA THR F 5 5.09 -37.95 3.64
C THR F 5 5.67 -37.15 2.49
N GLN F 6 6.94 -36.77 2.63
CA GLN F 6 7.68 -36.08 1.58
C GLN F 6 9.02 -36.78 1.35
N GLU F 7 9.57 -36.58 0.15
CA GLU F 7 10.98 -36.90 -0.05
C GLU F 7 11.80 -36.22 1.04
N SER F 8 12.69 -36.97 1.68
CA SER F 8 13.48 -36.38 2.77
C SER F 8 14.50 -35.39 2.23
N ALA F 9 15.09 -35.68 1.07
CA ALA F 9 16.10 -34.82 0.50
C ALA F 9 16.11 -34.98 -1.02
N LEU F 10 16.36 -33.86 -1.71
CA LEU F 10 16.49 -33.83 -3.15
C LEU F 10 17.58 -32.83 -3.51
N THR F 11 18.21 -33.05 -4.67
CA THR F 11 19.29 -32.19 -5.13
C THR F 11 19.05 -31.81 -6.58
N THR F 12 19.35 -30.55 -6.89
CA THR F 12 19.17 -30.04 -8.25
C THR F 12 20.24 -28.98 -8.52
N SER F 13 20.25 -28.49 -9.75
CA SER F 13 21.20 -27.48 -10.20
C SER F 13 20.46 -26.25 -10.71
N PRO F 14 21.10 -25.09 -10.72
CA PRO F 14 20.42 -23.88 -11.20
C PRO F 14 19.92 -24.06 -12.61
N GLY F 15 18.77 -23.43 -12.89
CA GLY F 15 18.15 -23.53 -14.19
C GLY F 15 17.35 -24.79 -14.43
N GLU F 16 17.49 -25.80 -13.58
CA GLU F 16 16.79 -27.07 -13.77
C GLU F 16 15.42 -27.03 -13.09
N THR F 17 14.64 -28.08 -13.36
CA THR F 17 13.29 -28.22 -12.85
C THR F 17 13.25 -29.33 -11.82
N VAL F 18 12.92 -28.99 -10.58
CA VAL F 18 12.79 -29.95 -9.50
C VAL F 18 11.32 -30.04 -9.11
N THR F 19 10.87 -31.25 -8.78
CA THR F 19 9.48 -31.53 -8.43
C THR F 19 9.45 -32.21 -7.07
N LEU F 20 8.92 -31.50 -6.07
CA LEU F 20 8.64 -32.08 -4.77
C LEU F 20 7.23 -32.64 -4.78
N THR F 21 7.01 -33.67 -3.98
CA THR F 21 5.68 -34.28 -3.88
C THR F 21 5.30 -34.44 -2.42
N CYS F 22 4.01 -34.71 -2.22
CA CYS F 22 3.42 -34.81 -0.88
C CYS F 22 2.32 -35.85 -0.93
N ARG F 23 2.44 -36.88 -0.12
CA ARG F 23 1.51 -38.00 -0.11
C ARG F 23 0.73 -38.05 1.19
N SER F 24 -0.47 -38.61 1.12
CA SER F 24 -1.35 -38.78 2.27
C SER F 24 -1.62 -40.26 2.47
N SER F 25 -1.51 -40.73 3.71
CA SER F 25 -1.74 -42.13 4.00
C SER F 25 -3.21 -42.51 3.87
N THR F 26 -4.11 -41.53 3.91
CA THR F 26 -5.54 -41.84 3.86
C THR F 26 -5.99 -42.18 2.44
N GLY F 27 -5.31 -41.65 1.44
CA GLY F 27 -5.73 -41.80 0.06
C GLY F 27 -5.18 -40.64 -0.74
N ALA F 28 -5.71 -40.48 -1.95
CA ALA F 28 -5.23 -39.43 -2.83
C ALA F 28 -5.34 -38.07 -2.14
N VAL F 29 -4.42 -37.17 -2.51
CA VAL F 29 -4.49 -35.77 -2.13
C VAL F 29 -5.33 -35.06 -3.19
N THR F 30 -6.39 -34.39 -2.76
CA THR F 30 -7.29 -33.67 -3.64
C THR F 30 -7.29 -32.20 -3.27
N THR F 31 -8.06 -31.41 -4.01
CA THR F 31 -8.22 -30.00 -3.66
C THR F 31 -8.93 -29.84 -2.32
N SER F 32 -9.63 -30.87 -1.85
CA SER F 32 -10.31 -30.79 -0.57
C SER F 32 -9.32 -30.75 0.60
N ASN F 33 -8.07 -31.19 0.39
CA ASN F 33 -7.06 -31.13 1.42
C ASN F 33 -6.37 -29.77 1.49
N TYR F 34 -6.64 -28.87 0.53
CA TYR F 34 -6.07 -27.53 0.54
C TYR F 34 -4.58 -27.58 0.88
N ALA F 35 -3.79 -28.14 -0.03
CA ALA F 35 -2.38 -28.37 0.26
C ALA F 35 -1.64 -27.06 0.43
N ASN F 36 -0.72 -27.05 1.40
CA ASN F 36 0.08 -25.89 1.72
C ASN F 36 1.56 -26.24 1.61
N TRP F 37 2.34 -25.31 1.08
CA TRP F 37 3.78 -25.46 0.95
C TRP F 37 4.46 -24.29 1.64
N VAL F 38 5.38 -24.60 2.55
CA VAL F 38 6.12 -23.59 3.32
C VAL F 38 7.60 -23.90 3.26
N GLN F 39 8.41 -22.86 3.09
CA GLN F 39 9.85 -22.96 2.98
C GLN F 39 10.47 -22.51 4.30
N GLU F 40 11.41 -23.30 4.81
CA GLU F 40 12.15 -22.95 6.02
C GLU F 40 13.61 -22.68 5.64
N LYS F 41 14.03 -21.43 5.75
CA LYS F 41 15.42 -21.04 5.62
C LYS F 41 16.05 -20.91 7.00
N PRO F 42 17.39 -20.88 7.08
CA PRO F 42 18.04 -20.82 8.40
C PRO F 42 17.47 -19.75 9.32
N ASP F 43 17.63 -19.95 10.62
CA ASP F 43 17.06 -19.07 11.65
C ASP F 43 15.54 -19.19 11.71
N HIS F 44 15.04 -20.39 11.48
CA HIS F 44 13.59 -20.66 11.50
C HIS F 44 12.82 -19.67 10.64
N LEU F 45 13.46 -19.14 9.61
CA LEU F 45 12.79 -18.23 8.68
C LEU F 45 11.74 -19.00 7.88
N PHE F 46 10.48 -18.63 8.02
CA PHE F 46 9.37 -19.32 7.37
C PHE F 46 8.72 -18.42 6.33
N THR F 47 8.39 -19.02 5.18
CA THR F 47 7.70 -18.32 4.11
C THR F 47 6.64 -19.24 3.53
N GLY F 48 5.38 -18.87 3.66
CA GLY F 48 4.32 -19.59 3.01
C GLY F 48 4.39 -19.36 1.51
N LEU F 49 4.50 -20.44 0.73
CA LEU F 49 4.65 -20.34 -0.72
C LEU F 49 3.34 -20.56 -1.45
N ILE F 50 2.64 -21.66 -1.16
CA ILE F 50 1.44 -22.05 -1.89
C ILE F 50 0.34 -22.38 -0.90
N GLY F 51 -0.86 -21.89 -1.18
CA GLY F 51 -2.05 -22.27 -0.44
C GLY F 51 -3.11 -22.81 -1.36
N GLY F 52 -4.08 -23.55 -0.84
CA GLY F 52 -5.13 -24.10 -1.67
C GLY F 52 -4.61 -24.77 -2.92
N THR F 53 -3.61 -25.63 -2.74
CA THR F 53 -3.04 -26.44 -3.82
C THR F 53 -2.23 -25.62 -4.82
N ASN F 54 -2.84 -24.60 -5.44
CA ASN F 54 -2.20 -23.91 -6.55
C ASN F 54 -2.24 -22.40 -6.43
N ASN F 55 -2.52 -21.86 -5.25
CA ASN F 55 -2.56 -20.41 -5.04
C ASN F 55 -1.22 -19.95 -4.48
N ARG F 56 -0.50 -19.17 -5.28
CA ARG F 56 0.81 -18.66 -4.88
C ARG F 56 0.63 -17.36 -4.11
N ALA F 57 1.24 -17.29 -2.93
CA ALA F 57 1.12 -16.11 -2.09
C ALA F 57 1.85 -14.93 -2.73
N PRO F 58 1.41 -13.70 -2.45
CA PRO F 58 2.02 -12.54 -3.11
C PRO F 58 3.46 -12.33 -2.65
N GLY F 59 4.32 -12.02 -3.61
CA GLY F 59 5.74 -11.89 -3.36
C GLY F 59 6.56 -13.12 -3.63
N VAL F 60 5.91 -14.27 -3.77
CA VAL F 60 6.63 -15.50 -4.08
C VAL F 60 6.98 -15.51 -5.57
N PRO F 61 8.21 -15.84 -5.95
CA PRO F 61 8.57 -15.82 -7.37
C PRO F 61 7.68 -16.75 -8.18
N ALA F 62 7.62 -16.48 -9.48
CA ALA F 62 6.75 -17.23 -10.37
C ALA F 62 7.29 -18.61 -10.70
N ARG F 63 8.56 -18.89 -10.42
CA ARG F 63 9.09 -20.22 -10.70
C ARG F 63 8.49 -21.28 -9.78
N PHE F 64 7.94 -20.87 -8.63
CA PHE F 64 7.25 -21.81 -7.76
C PHE F 64 5.82 -22.00 -8.24
N SER F 65 5.32 -23.22 -8.10
CA SER F 65 3.95 -23.53 -8.47
C SER F 65 3.50 -24.78 -7.73
N GLY F 66 2.23 -24.80 -7.34
CA GLY F 66 1.63 -25.96 -6.70
C GLY F 66 0.65 -26.63 -7.65
N SER F 67 0.51 -27.94 -7.50
CA SER F 67 -0.30 -28.73 -8.40
C SER F 67 -0.50 -30.10 -7.82
N LEU F 68 -1.35 -30.89 -8.48
CA LEU F 68 -1.59 -32.28 -8.13
C LEU F 68 -1.11 -33.17 -9.27
N ILE F 69 -0.47 -34.28 -8.92
CA ILE F 69 0.04 -35.23 -9.90
C ILE F 69 -0.37 -36.62 -9.43
N GLY F 70 -1.46 -37.14 -9.98
CA GLY F 70 -1.96 -38.43 -9.57
C GLY F 70 -2.65 -38.35 -8.22
N ASP F 71 -2.06 -38.98 -7.21
CA ASP F 71 -2.62 -39.01 -5.87
C ASP F 71 -1.85 -38.13 -4.88
N LYS F 72 -0.94 -37.29 -5.37
CA LYS F 72 -0.07 -36.52 -4.50
C LYS F 72 -0.14 -35.05 -4.88
N ALA F 73 0.08 -34.20 -3.87
CA ALA F 73 0.34 -32.79 -4.12
C ALA F 73 1.80 -32.60 -4.47
N ALA F 74 2.10 -31.51 -5.17
CA ALA F 74 3.46 -31.31 -5.66
C ALA F 74 3.76 -29.83 -5.74
N LEU F 75 4.97 -29.48 -5.32
CA LEU F 75 5.54 -28.16 -5.54
C LEU F 75 6.59 -28.29 -6.64
N THR F 76 6.53 -27.41 -7.63
CA THR F 76 7.40 -27.47 -8.79
C THR F 76 8.14 -26.15 -8.93
N ILE F 77 9.46 -26.21 -8.81
CA ILE F 77 10.35 -25.08 -9.10
C ILE F 77 10.84 -25.27 -10.53
N THR F 78 10.51 -24.32 -11.41
CA THR F 78 10.90 -24.36 -12.82
C THR F 78 12.01 -23.34 -13.00
N GLY F 79 13.24 -23.83 -13.14
CA GLY F 79 14.40 -22.95 -13.18
C GLY F 79 14.89 -22.63 -11.79
N ALA F 80 15.46 -23.64 -11.11
CA ALA F 80 15.89 -23.47 -9.73
C ALA F 80 17.00 -22.43 -9.63
N GLN F 81 17.13 -21.87 -8.43
CA GLN F 81 18.16 -20.88 -8.14
C GLN F 81 18.87 -21.29 -6.85
N THR F 82 20.06 -20.72 -6.65
CA THR F 82 20.82 -21.06 -5.44
C THR F 82 20.10 -20.61 -4.18
N ASP F 83 19.38 -19.48 -4.23
CA ASP F 83 18.61 -19.03 -3.08
C ASP F 83 17.37 -19.87 -2.82
N ASP F 84 17.10 -20.88 -3.64
CA ASP F 84 16.01 -21.82 -3.39
C ASP F 84 16.43 -22.97 -2.48
N GLU F 85 17.69 -23.02 -2.08
CA GLU F 85 18.15 -24.05 -1.15
C GLU F 85 17.50 -23.83 0.21
N ALA F 86 16.62 -24.73 0.61
CA ALA F 86 15.93 -24.64 1.89
C ALA F 86 15.19 -25.94 2.15
N ILE F 87 14.51 -26.00 3.29
CA ILE F 87 13.62 -27.10 3.62
C ILE F 87 12.20 -26.69 3.24
N TYR F 88 11.48 -27.58 2.57
CA TYR F 88 10.13 -27.31 2.09
C TYR F 88 9.16 -28.27 2.77
N PHE F 89 8.18 -27.70 3.46
CA PHE F 89 7.21 -28.47 4.23
C PHE F 89 5.86 -28.45 3.53
N CYS F 90 5.24 -29.62 3.44
CA CYS F 90 3.89 -29.77 2.94
C CYS F 90 2.91 -29.84 4.11
N ALA F 91 1.70 -29.33 3.88
CA ALA F 91 0.66 -29.40 4.89
C ALA F 91 -0.66 -29.73 4.20
N LEU F 92 -1.39 -30.70 4.74
CA LEU F 92 -2.66 -31.13 4.18
C LEU F 92 -3.77 -30.93 5.22
N TRP F 93 -4.88 -30.35 4.77
CA TRP F 93 -6.02 -30.09 5.64
C TRP F 93 -6.96 -31.29 5.62
N TYR F 94 -7.39 -31.72 6.81
CA TYR F 94 -8.30 -32.85 6.92
C TYR F 94 -9.61 -32.40 7.55
N SER F 95 -10.16 -31.29 7.05
CA SER F 95 -11.46 -30.77 7.45
C SER F 95 -11.42 -30.15 8.83
N ASN F 96 -10.91 -30.87 9.83
CA ASN F 96 -10.92 -30.36 11.20
C ASN F 96 -9.53 -30.40 11.85
N HIS F 97 -8.48 -30.54 11.05
CA HIS F 97 -7.12 -30.51 11.60
C HIS F 97 -6.12 -30.52 10.46
N LEU F 98 -4.95 -29.95 10.73
CA LEU F 98 -3.86 -29.84 9.76
C LEU F 98 -2.75 -30.81 10.13
N VAL F 99 -1.97 -31.21 9.13
CA VAL F 99 -0.87 -32.16 9.32
C VAL F 99 0.28 -31.74 8.41
N PHE F 100 1.47 -31.62 9.00
CA PHE F 100 2.68 -31.30 8.25
C PHE F 100 3.42 -32.57 7.86
N GLY F 101 4.09 -32.51 6.71
CA GLY F 101 5.00 -33.58 6.33
C GLY F 101 6.37 -33.41 6.96
N GLY F 102 7.17 -34.48 6.88
CA GLY F 102 8.50 -34.47 7.46
C GLY F 102 9.43 -33.45 6.85
N GLY F 103 9.05 -32.83 5.74
CA GLY F 103 9.89 -31.87 5.07
C GLY F 103 10.79 -32.53 4.03
N THR F 104 11.39 -31.69 3.20
CA THR F 104 12.31 -32.14 2.17
C THR F 104 13.45 -31.14 2.05
N LYS F 105 14.67 -31.61 2.29
CA LYS F 105 15.85 -30.75 2.22
C LYS F 105 16.26 -30.63 0.76
N LEU F 106 16.17 -29.42 0.21
CA LEU F 106 16.53 -29.15 -1.18
C LEU F 106 17.93 -28.54 -1.22
N THR F 107 18.84 -29.21 -1.92
CA THR F 107 20.17 -28.68 -2.19
C THR F 107 20.21 -28.19 -3.63
N VAL F 108 20.67 -26.96 -3.81
CA VAL F 108 20.90 -26.39 -5.14
C VAL F 108 22.40 -26.22 -5.30
N LEU F 109 22.99 -26.98 -6.21
CA LEU F 109 24.42 -26.92 -6.45
C LEU F 109 24.81 -25.59 -7.08
N GLY F 110 26.09 -25.45 -7.39
CA GLY F 110 26.59 -24.24 -8.00
C GLY F 110 26.83 -23.10 -7.03
N GLN F 111 26.65 -23.30 -5.74
CA GLN F 111 27.06 -22.29 -4.78
C GLN F 111 28.58 -22.30 -4.67
N PRO F 112 29.21 -21.14 -4.51
CA PRO F 112 30.69 -21.11 -4.52
C PRO F 112 31.25 -21.88 -3.34
N LYS F 113 32.31 -22.65 -3.60
CA LYS F 113 32.99 -23.33 -2.51
C LYS F 113 33.75 -22.31 -1.67
N SER F 114 34.24 -22.77 -0.52
CA SER F 114 34.99 -21.90 0.38
C SER F 114 35.73 -22.77 1.40
N SER F 115 37.02 -22.55 1.57
CA SER F 115 37.76 -23.25 2.61
C SER F 115 37.49 -22.61 3.96
N PRO F 116 37.48 -23.39 5.04
CA PRO F 116 37.12 -22.85 6.35
C PRO F 116 38.20 -21.98 6.95
N SER F 117 37.78 -20.89 7.59
CA SER F 117 38.65 -20.05 8.41
C SER F 117 38.67 -20.64 9.81
N VAL F 118 39.82 -21.17 10.23
CA VAL F 118 39.95 -21.88 11.50
C VAL F 118 40.66 -20.97 12.49
N THR F 119 40.13 -20.91 13.72
CA THR F 119 40.71 -20.12 14.80
C THR F 119 40.70 -20.96 16.06
N LEU F 120 41.82 -20.99 16.77
CA LEU F 120 41.99 -21.85 17.94
C LEU F 120 42.25 -20.99 19.17
N PHE F 121 41.67 -21.40 20.30
CA PHE F 121 41.77 -20.68 21.54
C PHE F 121 42.34 -21.57 22.64
N PRO F 122 43.27 -21.06 23.46
CA PRO F 122 43.72 -21.82 24.62
C PRO F 122 42.73 -21.73 25.76
N PRO F 123 42.89 -22.54 26.81
CA PRO F 123 41.99 -22.44 27.95
C PRO F 123 42.21 -21.16 28.75
N SER F 124 41.13 -20.66 29.33
CA SER F 124 41.24 -19.51 30.21
C SER F 124 41.88 -19.92 31.53
N SER F 125 42.60 -18.98 32.15
CA SER F 125 43.16 -19.25 33.46
C SER F 125 42.08 -19.51 34.49
N GLU F 126 40.92 -18.87 34.35
CA GLU F 126 39.83 -19.08 35.30
C GLU F 126 39.31 -20.51 35.23
N GLU F 127 39.14 -21.05 34.02
CA GLU F 127 38.65 -22.41 33.91
C GLU F 127 39.67 -23.41 34.44
N LEU F 128 40.97 -23.13 34.27
CA LEU F 128 41.99 -24.07 34.70
C LEU F 128 41.94 -24.30 36.20
N GLU F 129 41.64 -23.26 36.97
CA GLU F 129 41.55 -23.40 38.42
C GLU F 129 40.62 -24.53 38.83
N THR F 130 39.72 -24.95 37.95
CA THR F 130 38.77 -26.01 38.23
C THR F 130 39.26 -27.38 37.76
N ASN F 131 40.54 -27.49 37.43
CA ASN F 131 41.10 -28.72 36.85
C ASN F 131 40.36 -29.09 35.56
N LYS F 132 40.06 -28.09 34.74
CA LYS F 132 39.42 -28.30 33.46
C LYS F 132 40.05 -27.35 32.44
N ALA F 133 40.41 -27.89 31.29
CA ALA F 133 41.00 -27.11 30.20
C ALA F 133 40.24 -27.43 28.92
N THR F 134 39.60 -26.42 28.34
CA THR F 134 38.80 -26.58 27.13
C THR F 134 39.39 -25.72 26.04
N LEU F 135 39.87 -26.36 24.98
CA LEU F 135 40.33 -25.66 23.79
C LEU F 135 39.17 -25.50 22.81
N VAL F 136 39.08 -24.32 22.20
CA VAL F 136 37.96 -23.97 21.34
C VAL F 136 38.49 -23.71 19.93
N CYS F 137 37.96 -24.45 18.97
CA CYS F 137 38.39 -24.36 17.57
C CYS F 137 37.18 -23.93 16.74
N THR F 138 37.17 -22.68 16.31
CA THR F 138 36.06 -22.14 15.55
C THR F 138 36.31 -22.32 14.05
N ILE F 139 35.26 -22.68 13.32
CA ILE F 139 35.33 -22.96 11.89
C ILE F 139 34.21 -22.16 11.23
N THR F 140 34.56 -21.31 10.26
CA THR F 140 33.61 -20.39 9.68
C THR F 140 33.80 -20.27 8.17
N ASP F 141 32.68 -20.06 7.47
CA ASP F 141 32.67 -19.60 6.08
C ASP F 141 33.25 -20.64 5.13
N PHE F 142 32.72 -21.87 5.23
CA PHE F 142 33.12 -22.94 4.33
C PHE F 142 31.90 -23.54 3.65
N TYR F 143 32.02 -23.79 2.34
CA TYR F 143 30.98 -24.44 1.55
C TYR F 143 31.70 -25.43 0.63
N PRO F 144 31.23 -26.68 0.52
CA PRO F 144 30.03 -27.26 1.15
C PRO F 144 30.19 -27.38 2.67
N GLY F 145 29.13 -27.77 3.37
CA GLY F 145 29.16 -27.79 4.82
C GLY F 145 29.50 -29.13 5.45
N VAL F 146 30.60 -29.74 5.03
CA VAL F 146 31.08 -30.98 5.62
C VAL F 146 32.55 -30.81 5.95
N VAL F 147 32.90 -31.07 7.22
CA VAL F 147 34.28 -30.94 7.69
C VAL F 147 34.56 -32.05 8.69
N THR F 148 35.70 -32.71 8.53
CA THR F 148 36.23 -33.64 9.52
C THR F 148 37.28 -32.91 10.33
N VAL F 149 37.21 -33.04 11.66
CA VAL F 149 38.06 -32.28 12.57
C VAL F 149 38.92 -33.27 13.36
N ASP F 150 40.22 -33.01 13.39
CA ASP F 150 41.18 -33.83 14.12
C ASP F 150 41.94 -32.97 15.11
N TRP F 151 42.24 -33.54 16.27
CA TRP F 151 43.00 -32.86 17.32
C TRP F 151 44.30 -33.61 17.58
N LYS F 152 45.38 -32.84 17.79
CA LYS F 152 46.67 -33.40 18.18
C LYS F 152 47.15 -32.71 19.44
N VAL F 153 47.78 -33.49 20.33
CA VAL F 153 48.46 -32.96 21.50
C VAL F 153 49.89 -33.49 21.48
N ASP F 154 50.86 -32.57 21.41
CA ASP F 154 52.27 -32.95 21.26
C ASP F 154 52.45 -33.87 20.05
N GLY F 155 51.84 -33.46 18.93
CA GLY F 155 51.97 -34.20 17.69
C GLY F 155 51.31 -35.55 17.66
N THR F 156 50.58 -35.92 18.71
CA THR F 156 49.91 -37.21 18.78
C THR F 156 48.41 -37.02 18.64
N PRO F 157 47.75 -37.73 17.73
CA PRO F 157 46.29 -37.59 17.62
C PRO F 157 45.60 -38.03 18.91
N VAL F 158 44.58 -37.28 19.31
CA VAL F 158 43.81 -37.58 20.51
C VAL F 158 42.61 -38.42 20.13
N THR F 159 42.24 -39.35 21.02
CA THR F 159 41.13 -40.25 20.77
C THR F 159 39.93 -40.00 21.69
N GLN F 160 40.11 -39.26 22.78
CA GLN F 160 39.02 -38.95 23.71
C GLN F 160 39.01 -37.46 24.00
N GLY F 161 37.84 -36.97 24.40
CA GLY F 161 37.71 -35.63 24.91
C GLY F 161 37.26 -34.57 23.92
N MET F 162 37.06 -34.93 22.65
CA MET F 162 36.72 -33.95 21.63
C MET F 162 35.23 -33.97 21.34
N GLU F 163 34.66 -32.79 21.12
CA GLU F 163 33.26 -32.62 20.75
C GLU F 163 33.19 -31.63 19.61
N THR F 164 32.46 -31.98 18.55
CA THR F 164 32.33 -31.13 17.38
C THR F 164 30.86 -30.93 17.05
N THR F 165 30.48 -29.66 16.81
CA THR F 165 29.11 -29.34 16.46
C THR F 165 28.85 -29.64 14.99
N GLN F 166 27.67 -30.17 14.69
CA GLN F 166 27.25 -30.29 13.30
C GLN F 166 27.18 -28.89 12.69
N PRO F 167 27.63 -28.72 11.45
CA PRO F 167 27.69 -27.37 10.88
C PRO F 167 26.31 -26.72 10.83
N SER F 168 26.31 -25.39 10.84
CA SER F 168 25.08 -24.61 10.77
C SER F 168 25.28 -23.46 9.79
N LYS F 169 24.29 -23.25 8.92
CA LYS F 169 24.41 -22.21 7.90
C LYS F 169 24.43 -20.83 8.54
N GLN F 170 25.41 -20.02 8.13
CA GLN F 170 25.48 -18.62 8.55
C GLN F 170 24.44 -17.82 7.76
N SER F 171 24.52 -16.49 7.85
CA SER F 171 23.58 -15.63 7.12
C SER F 171 23.95 -15.53 5.64
N ASN F 172 25.22 -15.70 5.29
CA ASN F 172 25.68 -15.65 3.91
C ASN F 172 25.67 -17.03 3.24
N ASN F 173 24.87 -17.96 3.75
CA ASN F 173 24.69 -19.30 3.21
C ASN F 173 25.97 -20.14 3.26
N LYS F 174 27.00 -19.67 3.96
CA LYS F 174 28.15 -20.50 4.28
C LYS F 174 27.98 -21.09 5.68
N TYR F 175 28.73 -22.15 5.95
CA TYR F 175 28.57 -22.92 7.17
C TYR F 175 29.55 -22.48 8.26
N MET F 176 29.21 -22.82 9.49
CA MET F 176 30.04 -22.55 10.65
C MET F 176 29.92 -23.72 11.62
N ALA F 177 30.98 -23.97 12.38
CA ALA F 177 30.99 -25.03 13.37
C ALA F 177 32.13 -24.78 14.34
N SER F 178 32.14 -25.55 15.42
CA SER F 178 33.16 -25.43 16.46
C SER F 178 33.47 -26.81 17.02
N SER F 179 34.71 -26.97 17.49
CA SER F 179 35.18 -28.22 18.07
C SER F 179 35.81 -27.92 19.43
N TYR F 180 35.45 -28.72 20.43
CA TYR F 180 35.93 -28.53 21.80
C TYR F 180 36.81 -29.70 22.20
N LEU F 181 38.06 -29.42 22.52
CA LEU F 181 38.95 -30.39 23.15
C LEU F 181 39.02 -30.05 24.64
N THR F 182 38.52 -30.96 25.48
CA THR F 182 38.48 -30.75 26.92
C THR F 182 39.45 -31.72 27.58
N LEU F 183 40.42 -31.16 28.29
CA LEU F 183 41.37 -31.93 29.09
C LEU F 183 41.19 -31.60 30.56
N THR F 184 41.93 -32.32 31.41
CA THR F 184 42.16 -31.89 32.77
C THR F 184 43.27 -30.83 32.77
N ALA F 185 43.29 -30.00 33.82
CA ALA F 185 44.35 -29.02 33.93
C ALA F 185 45.71 -29.70 34.10
N ARG F 186 45.74 -30.89 34.71
CA ARG F 186 46.98 -31.63 34.83
C ARG F 186 47.56 -31.95 33.45
N ALA F 187 46.81 -32.72 32.66
CA ALA F 187 47.26 -33.06 31.31
C ALA F 187 47.62 -31.81 30.52
N TRP F 188 46.81 -30.76 30.64
CA TRP F 188 47.11 -29.52 29.93
C TRP F 188 48.51 -29.02 30.24
N GLU F 189 48.91 -29.09 31.51
CA GLU F 189 50.21 -28.58 31.92
C GLU F 189 51.36 -29.51 31.58
N ARG F 190 51.08 -30.81 31.40
CA ARG F 190 52.13 -31.75 31.03
C ARG F 190 52.51 -31.68 29.55
N HIS F 191 51.67 -31.05 28.73
CA HIS F 191 51.90 -31.00 27.29
C HIS F 191 52.01 -29.55 26.83
N SER F 192 52.48 -29.38 25.60
CA SER F 192 52.89 -28.05 25.13
C SER F 192 52.24 -27.67 23.81
N SER F 193 52.30 -28.56 22.82
CA SER F 193 51.76 -28.27 21.51
C SER F 193 50.34 -28.80 21.39
N TYR F 194 49.45 -27.96 20.87
CA TYR F 194 48.05 -28.33 20.66
C TYR F 194 47.64 -27.87 19.27
N SER F 195 46.96 -28.74 18.52
CA SER F 195 46.61 -28.47 17.14
C SER F 195 45.16 -28.84 16.86
N CYS F 196 44.56 -28.11 15.92
CA CYS F 196 43.21 -28.36 15.44
C CYS F 196 43.24 -28.42 13.93
N GLN F 197 42.99 -29.60 13.36
CA GLN F 197 43.06 -29.82 11.91
C GLN F 197 41.65 -29.95 11.36
N VAL F 198 41.31 -29.09 10.40
CA VAL F 198 39.99 -29.08 9.77
C VAL F 198 40.18 -29.41 8.29
N THR F 199 39.75 -30.61 7.90
CA THR F 199 39.80 -31.01 6.50
C THR F 199 38.47 -30.70 5.82
N HIS F 200 38.56 -30.15 4.60
CA HIS F 200 37.36 -29.73 3.87
C HIS F 200 37.62 -29.87 2.38
N GLU F 201 36.97 -30.85 1.75
CA GLU F 201 37.11 -31.09 0.32
C GLU F 201 38.54 -31.50 -0.01
N GLY F 202 39.08 -32.42 0.79
CA GLY F 202 40.42 -32.92 0.58
C GLY F 202 41.53 -32.00 0.99
N HIS F 203 41.22 -30.79 1.43
CA HIS F 203 42.22 -29.81 1.84
C HIS F 203 42.13 -29.60 3.35
N THR F 204 43.28 -29.68 4.02
CA THR F 204 43.35 -29.55 5.46
C THR F 204 43.85 -28.17 5.85
N VAL F 205 43.30 -27.64 6.94
CA VAL F 205 43.74 -26.38 7.53
C VAL F 205 44.02 -26.65 9.00
N GLU F 206 45.25 -26.40 9.43
CA GLU F 206 45.69 -26.69 10.79
C GLU F 206 46.00 -25.38 11.50
N LYS F 207 45.52 -25.26 12.74
CA LYS F 207 45.84 -24.14 13.62
C LYS F 207 46.38 -24.70 14.92
N SER F 208 47.49 -24.14 15.40
CA SER F 208 48.16 -24.67 16.58
C SER F 208 48.44 -23.54 17.58
N LEU F 209 48.77 -23.94 18.80
CA LEU F 209 49.17 -23.02 19.85
C LEU F 209 50.18 -23.71 20.75
N SER F 210 50.75 -22.94 21.68
CA SER F 210 51.69 -23.47 22.67
C SER F 210 51.34 -22.90 24.04
N ARG F 211 51.30 -23.78 25.05
CA ARG F 211 50.99 -23.34 26.40
C ARG F 211 51.84 -22.16 26.83
N ALA F 212 53.04 -22.02 26.26
CA ALA F 212 53.87 -20.84 26.48
C ALA F 212 53.65 -19.84 25.34
#